data_9DEH
#
_entry.id   9DEH
#
_cell.length_a   63.400
_cell.length_b   106.993
_cell.length_c   116.659
_cell.angle_alpha   90.000
_cell.angle_beta   90.000
_cell.angle_gamma   90.000
#
_symmetry.space_group_name_H-M   'P 21 21 21'
#
loop_
_entity.id
_entity.type
_entity.pdbx_description
1 polymer Win31
2 non-polymer 'TETRAETHYLENE GLYCOL'
3 non-polymer 'L(+)-TARTARIC ACID'
4 water water
#
_entity_poly.entity_id   1
_entity_poly.type   'polypeptide(L)'
_entity_poly.pdbx_seq_one_letter_code
;MSGMTEEELEKGVEDFLVVHGKFVHRLAGIPPNAKFQALDKYITNQIVESDPSKEKEIKKAFGDAAKILRDALARNITTP
EEAQAFLRDLGPWAVDLINTITRRYVDVIEKNPEGVAEILGISLEEVRELAEAGRRAIEEGEGASLGILRKILELEAERA
KGSG
;
_entity_poly.pdbx_strand_id   A,B,C,D,E
#
loop_
_chem_comp.id
_chem_comp.type
_chem_comp.name
_chem_comp.formula
PG4 non-polymer 'TETRAETHYLENE GLYCOL' 'C8 H18 O5'
TLA non-polymer 'L(+)-TARTARIC ACID' 'C4 H6 O6'
#
# COMPACT_ATOMS: atom_id res chain seq x y z
N MET A 4 34.81 -11.36 -5.70
CA MET A 4 33.49 -11.97 -5.59
C MET A 4 33.32 -13.07 -6.63
N THR A 5 32.57 -14.11 -6.27
CA THR A 5 32.34 -15.23 -7.15
C THR A 5 31.26 -14.90 -8.18
N GLU A 6 31.10 -15.79 -9.17
CA GLU A 6 30.06 -15.60 -10.17
C GLU A 6 28.68 -15.63 -9.54
N GLU A 7 28.49 -16.47 -8.52
CA GLU A 7 27.21 -16.53 -7.84
C GLU A 7 26.91 -15.24 -7.10
N GLU A 8 27.91 -14.66 -6.44
CA GLU A 8 27.70 -13.40 -5.73
C GLU A 8 27.46 -12.25 -6.69
N LEU A 9 28.19 -12.22 -7.81
CA LEU A 9 27.97 -11.20 -8.82
C LEU A 9 26.59 -11.33 -9.46
N GLU A 10 26.09 -12.54 -9.62
CA GLU A 10 24.77 -12.73 -10.24
C GLU A 10 23.66 -12.26 -9.31
N LYS A 11 23.81 -12.51 -8.01
CA LYS A 11 22.79 -12.05 -7.06
C LYS A 11 22.73 -10.54 -6.99
N GLY A 12 23.85 -9.86 -7.24
CA GLY A 12 23.82 -8.40 -7.28
C GLY A 12 23.05 -7.88 -8.47
N VAL A 13 23.20 -8.53 -9.64
CA VAL A 13 22.43 -8.13 -10.81
C VAL A 13 20.95 -8.40 -10.59
N GLU A 14 20.62 -9.50 -9.90
CA GLU A 14 19.23 -9.79 -9.58
C GLU A 14 18.65 -8.74 -8.63
N ASP A 15 19.43 -8.32 -7.63
CA ASP A 15 18.96 -7.27 -6.73
C ASP A 15 18.78 -5.96 -7.47
N PHE A 16 19.64 -5.68 -8.46
CA PHE A 16 19.51 -4.46 -9.24
C PHE A 16 18.17 -4.41 -9.96
N LEU A 17 17.82 -5.49 -10.65
CA LEU A 17 16.59 -5.52 -11.45
C LEU A 17 15.36 -5.26 -10.58
N VAL A 18 15.38 -5.69 -9.32
CA VAL A 18 14.22 -5.50 -8.45
C VAL A 18 14.09 -4.04 -8.04
N VAL A 19 15.16 -3.46 -7.50
CA VAL A 19 15.08 -2.09 -7.00
C VAL A 19 15.09 -1.08 -8.14
N HIS A 20 15.73 -1.40 -9.27
CA HIS A 20 15.75 -0.46 -10.39
C HIS A 20 14.36 -0.32 -11.00
N GLY A 21 13.64 -1.42 -11.15
CA GLY A 21 12.28 -1.35 -11.66
C GLY A 21 11.33 -0.61 -10.72
N LYS A 22 11.48 -0.85 -9.41
CA LYS A 22 10.63 -0.15 -8.44
C LYS A 22 10.94 1.34 -8.40
N PHE A 23 12.22 1.71 -8.51
CA PHE A 23 12.60 3.12 -8.39
C PHE A 23 12.20 3.91 -9.63
N VAL A 24 12.41 3.34 -10.82
CA VAL A 24 12.04 4.05 -12.05
C VAL A 24 10.53 4.25 -12.13
N HIS A 25 9.77 3.21 -11.76
CA HIS A 25 8.31 3.34 -11.75
C HIS A 25 7.85 4.38 -10.73
N ARG A 26 8.59 4.54 -9.62
CA ARG A 26 8.25 5.59 -8.66
C ARG A 26 8.44 6.96 -9.27
N LEU A 27 9.54 7.17 -10.01
CA LEU A 27 9.78 8.47 -10.62
C LEU A 27 8.78 8.77 -11.72
N ALA A 28 8.20 7.73 -12.33
CA ALA A 28 7.18 7.93 -13.34
C ALA A 28 5.79 8.11 -12.74
N GLY A 29 5.57 7.62 -11.52
CA GLY A 29 4.28 7.77 -10.88
C GLY A 29 3.22 6.80 -11.35
N ILE A 30 3.60 5.58 -11.69
CA ILE A 30 2.66 4.59 -12.21
C ILE A 30 2.91 3.24 -11.55
N PRO A 31 1.89 2.38 -11.52
CA PRO A 31 2.08 1.02 -11.03
C PRO A 31 3.04 0.25 -11.92
N PRO A 32 3.54 -0.90 -11.46
CA PRO A 32 4.54 -1.64 -12.25
C PRO A 32 4.01 -2.05 -13.62
N ASN A 33 4.88 -1.92 -14.63
CA ASN A 33 4.57 -2.23 -16.01
C ASN A 33 5.33 -3.48 -16.43
N ALA A 34 4.60 -4.43 -17.04
CA ALA A 34 5.20 -5.72 -17.37
C ALA A 34 6.21 -5.59 -18.52
N LYS A 35 5.90 -4.76 -19.51
CA LYS A 35 6.78 -4.66 -20.68
C LYS A 35 8.10 -3.99 -20.33
N PHE A 36 8.11 -3.04 -19.40
CA PHE A 36 9.36 -2.41 -19.00
C PHE A 36 10.23 -3.37 -18.21
N GLN A 37 9.62 -4.21 -17.37
CA GLN A 37 10.39 -5.18 -16.61
C GLN A 37 11.14 -6.14 -17.53
N ALA A 38 10.47 -6.63 -18.57
CA ALA A 38 11.13 -7.52 -19.53
C ALA A 38 12.22 -6.78 -20.29
N LEU A 39 12.00 -5.51 -20.61
CA LEU A 39 13.04 -4.73 -21.26
C LEU A 39 14.19 -4.45 -20.30
N ASP A 40 13.89 -4.22 -19.03
CA ASP A 40 14.92 -3.95 -18.08
C ASP A 40 15.80 -5.14 -17.92
N LYS A 41 15.22 -6.34 -17.85
CA LYS A 41 16.04 -7.55 -17.73
C LYS A 41 16.84 -7.79 -19.00
N TYR A 42 16.22 -7.60 -20.16
CA TYR A 42 16.91 -7.80 -21.43
C TYR A 42 18.13 -6.88 -21.54
N ILE A 43 17.94 -5.59 -21.26
CA ILE A 43 19.03 -4.63 -21.44
C ILE A 43 20.14 -4.89 -20.43
N THR A 44 19.79 -5.18 -19.18
CA THR A 44 20.81 -5.39 -18.15
C THR A 44 21.72 -6.57 -18.51
N ASN A 45 21.14 -7.63 -19.06
CA ASN A 45 21.95 -8.78 -19.46
C ASN A 45 22.83 -8.45 -20.65
N GLN A 46 22.32 -7.65 -21.59
CA GLN A 46 23.12 -7.26 -22.75
C GLN A 46 24.30 -6.38 -22.32
N ILE A 47 24.09 -5.54 -21.31
CA ILE A 47 25.19 -4.73 -20.78
C ILE A 47 26.24 -5.63 -20.14
N VAL A 48 25.80 -6.65 -19.40
CA VAL A 48 26.73 -7.57 -18.76
C VAL A 48 27.52 -8.34 -19.80
N GLU A 49 26.85 -8.90 -20.80
CA GLU A 49 27.48 -9.68 -21.85
C GLU A 49 28.16 -8.82 -22.91
N SER A 50 28.12 -7.50 -22.78
CA SER A 50 28.66 -6.63 -23.82
C SER A 50 30.17 -6.79 -23.97
N ASP A 51 30.87 -6.92 -22.84
CA ASP A 51 32.33 -7.10 -22.84
C ASP A 51 32.68 -8.28 -21.97
N PRO A 52 33.07 -9.43 -22.56
CA PRO A 52 33.46 -10.57 -21.73
C PRO A 52 34.68 -10.31 -20.86
N SER A 53 35.53 -9.36 -21.23
CA SER A 53 36.73 -9.09 -20.44
C SER A 53 36.40 -8.30 -19.18
N LYS A 54 35.43 -7.40 -19.26
CA LYS A 54 34.98 -6.59 -18.14
C LYS A 54 33.67 -7.09 -17.54
N GLU A 55 33.38 -8.38 -17.69
CA GLU A 55 32.09 -8.90 -17.24
C GLU A 55 31.95 -8.82 -15.73
N LYS A 56 33.00 -9.21 -14.99
CA LYS A 56 32.93 -9.14 -13.54
C LYS A 56 32.87 -7.68 -13.05
N GLU A 57 33.52 -6.78 -13.78
CA GLU A 57 33.47 -5.36 -13.43
C GLU A 57 32.07 -4.79 -13.61
N ILE A 58 31.45 -5.08 -14.76
CA ILE A 58 30.11 -4.58 -15.02
C ILE A 58 29.11 -5.20 -14.05
N LYS A 59 29.27 -6.50 -13.75
CA LYS A 59 28.41 -7.12 -12.75
C LYS A 59 28.58 -6.46 -11.39
N LYS A 60 29.82 -6.13 -11.02
CA LYS A 60 30.07 -5.47 -9.75
C LYS A 60 29.45 -4.08 -9.70
N ALA A 61 29.41 -3.39 -10.85
CA ALA A 61 28.79 -2.07 -10.90
C ALA A 61 27.28 -2.16 -10.70
N PHE A 62 26.64 -3.18 -11.28
CA PHE A 62 25.21 -3.36 -11.06
C PHE A 62 24.89 -3.70 -9.62
N GLY A 63 25.77 -4.46 -8.96
CA GLY A 63 25.58 -4.71 -7.54
C GLY A 63 25.74 -3.46 -6.70
N ASP A 64 26.66 -2.58 -7.11
CA ASP A 64 26.82 -1.31 -6.40
C ASP A 64 25.60 -0.41 -6.59
N ALA A 65 25.07 -0.35 -7.81
CA ALA A 65 23.88 0.46 -8.06
C ALA A 65 22.67 -0.08 -7.31
N ALA A 66 22.61 -1.40 -7.11
CA ALA A 66 21.51 -1.97 -6.34
C ALA A 66 21.50 -1.46 -4.91
N LYS A 67 22.67 -1.38 -4.28
CA LYS A 67 22.76 -0.84 -2.92
C LYS A 67 22.44 0.64 -2.89
N ILE A 68 22.78 1.37 -3.95
CA ILE A 68 22.44 2.79 -4.01
C ILE A 68 20.93 2.97 -4.15
N LEU A 69 20.33 2.28 -5.11
CA LEU A 69 18.90 2.42 -5.36
C LEU A 69 18.07 1.89 -4.19
N ARG A 70 18.56 0.85 -3.50
CA ARG A 70 17.86 0.35 -2.32
C ARG A 70 17.80 1.41 -1.22
N ASP A 71 18.89 2.17 -1.06
CA ASP A 71 18.88 3.27 -0.11
C ASP A 71 17.89 4.35 -0.53
N ALA A 72 17.89 4.71 -1.82
CA ALA A 72 16.99 5.76 -2.28
C ALA A 72 15.53 5.34 -2.18
N LEU A 73 15.24 4.04 -2.33
CA LEU A 73 13.86 3.56 -2.20
C LEU A 73 13.33 3.76 -0.79
N ALA A 74 14.18 3.63 0.23
CA ALA A 74 13.75 3.80 1.61
C ALA A 74 13.60 5.27 2.01
N ARG A 75 13.98 6.19 1.13
CA ARG A 75 13.93 7.61 1.44
C ARG A 75 12.96 8.32 0.50
N ASN A 76 12.48 9.49 0.93
CA ASN A 76 11.48 10.26 0.19
C ASN A 76 12.16 10.89 -1.03
N ILE A 77 12.28 10.09 -2.09
CA ILE A 77 12.88 10.52 -3.35
C ILE A 77 11.92 10.10 -4.45
N THR A 78 11.26 11.09 -5.07
CA THR A 78 10.21 10.81 -6.05
C THR A 78 10.41 11.53 -7.38
N THR A 79 11.43 12.36 -7.53
CA THR A 79 11.71 13.08 -8.76
C THR A 79 13.16 12.83 -9.17
N PRO A 80 13.47 12.97 -10.46
CA PRO A 80 14.87 12.86 -10.87
C PRO A 80 15.78 13.91 -10.25
N GLU A 81 15.24 15.11 -9.99
CA GLU A 81 16.05 16.14 -9.33
C GLU A 81 16.45 15.72 -7.93
N GLU A 82 15.51 15.14 -7.18
CA GLU A 82 15.84 14.62 -5.85
C GLU A 82 16.80 13.44 -5.95
N ALA A 83 16.63 12.59 -6.97
CA ALA A 83 17.52 11.45 -7.13
C ALA A 83 18.93 11.91 -7.45
N GLN A 84 19.08 12.95 -8.28
CA GLN A 84 20.41 13.42 -8.63
C GLN A 84 21.09 14.08 -7.44
N ALA A 85 20.34 14.83 -6.64
CA ALA A 85 20.91 15.42 -5.43
C ALA A 85 21.26 14.35 -4.40
N PHE A 86 20.52 13.23 -4.40
CA PHE A 86 20.87 12.11 -3.52
C PHE A 86 22.19 11.47 -3.95
N LEU A 87 22.44 11.41 -5.25
CA LEU A 87 23.67 10.79 -5.74
C LEU A 87 24.88 11.67 -5.46
N ARG A 88 24.72 12.99 -5.58
CA ARG A 88 25.83 13.91 -5.33
C ARG A 88 26.23 13.89 -3.86
N ASP A 89 25.28 13.63 -2.95
CA ASP A 89 25.62 13.52 -1.54
C ASP A 89 26.39 12.25 -1.24
N LEU A 90 26.10 11.17 -1.96
CA LEU A 90 26.92 9.97 -1.85
C LEU A 90 28.34 10.21 -2.34
N GLY A 91 28.50 11.06 -3.35
CA GLY A 91 29.80 11.36 -3.89
C GLY A 91 29.81 11.26 -5.41
N PRO A 92 30.83 11.86 -6.04
CA PRO A 92 30.94 11.76 -7.50
C PRO A 92 31.03 10.33 -8.01
N TRP A 93 31.51 9.40 -7.18
CA TRP A 93 31.60 8.00 -7.60
C TRP A 93 30.22 7.45 -7.94
N ALA A 94 29.20 7.81 -7.16
CA ALA A 94 27.85 7.33 -7.41
C ALA A 94 27.20 8.03 -8.58
N VAL A 95 27.49 9.33 -8.78
CA VAL A 95 26.96 10.03 -9.95
C VAL A 95 27.53 9.43 -11.22
N ASP A 96 28.83 9.18 -11.25
CA ASP A 96 29.46 8.61 -12.45
C ASP A 96 29.01 7.18 -12.68
N LEU A 97 28.83 6.40 -11.60
CA LEU A 97 28.42 5.01 -11.75
C LEU A 97 27.03 4.93 -12.38
N ILE A 98 26.09 5.75 -11.91
CA ILE A 98 24.74 5.72 -12.45
C ILE A 98 24.73 6.24 -13.88
N ASN A 99 25.55 7.23 -14.17
CA ASN A 99 25.61 7.75 -15.50
C ASN A 99 26.15 6.79 -16.51
N THR A 100 27.17 6.04 -16.11
CA THR A 100 27.74 5.04 -16.98
C THR A 100 26.70 4.00 -17.31
N ILE A 101 25.96 3.56 -16.32
CA ILE A 101 24.93 2.61 -16.55
C ILE A 101 23.90 3.16 -17.48
N THR A 102 23.57 4.43 -17.33
CA THR A 102 22.57 5.06 -18.14
C THR A 102 22.95 5.23 -19.61
N ARG A 103 24.22 5.52 -19.87
CA ARG A 103 24.71 5.69 -21.23
C ARG A 103 24.78 4.34 -21.95
N ARG A 104 24.99 3.28 -21.19
CA ARG A 104 25.06 1.95 -21.74
C ARG A 104 23.72 1.42 -22.13
N TYR A 105 22.72 1.84 -21.39
CA TYR A 105 21.36 1.48 -21.59
C TYR A 105 20.87 1.86 -22.98
N VAL A 106 21.17 3.06 -23.42
CA VAL A 106 20.77 3.48 -24.71
C VAL A 106 21.59 2.79 -25.77
N ASP A 107 22.86 2.59 -25.52
CA ASP A 107 23.71 1.92 -26.49
C ASP A 107 23.19 0.56 -26.84
N VAL A 108 22.79 -0.19 -25.83
CA VAL A 108 22.24 -1.49 -26.03
C VAL A 108 21.06 -1.37 -26.92
N ILE A 109 20.16 -0.43 -26.65
CA ILE A 109 19.04 -0.33 -27.56
C ILE A 109 19.38 -0.12 -29.05
N GLU A 110 20.25 0.83 -29.32
CA GLU A 110 20.67 1.20 -30.66
C GLU A 110 21.46 0.08 -31.35
N LYS A 111 22.21 -0.71 -30.58
CA LYS A 111 23.04 -1.74 -31.18
C LYS A 111 22.23 -2.96 -31.61
N ASN A 112 21.13 -3.25 -30.93
CA ASN A 112 20.27 -4.39 -31.24
C ASN A 112 18.82 -3.94 -31.25
N PRO A 113 18.40 -3.20 -32.28
CA PRO A 113 17.01 -2.73 -32.32
C PRO A 113 16.00 -3.84 -32.51
N GLU A 114 16.36 -4.91 -33.21
CA GLU A 114 15.41 -6.00 -33.44
C GLU A 114 15.11 -6.75 -32.15
N GLY A 115 16.12 -6.95 -31.30
CA GLY A 115 15.90 -7.63 -30.04
C GLY A 115 14.95 -6.87 -29.13
N VAL A 116 15.04 -5.54 -29.15
CA VAL A 116 14.10 -4.73 -28.37
C VAL A 116 12.72 -4.77 -29.00
N ALA A 117 12.65 -4.83 -30.33
CA ALA A 117 11.37 -4.91 -31.02
C ALA A 117 10.66 -6.23 -30.72
N GLU A 118 11.41 -7.32 -30.62
CA GLU A 118 10.81 -8.61 -30.29
C GLU A 118 10.35 -8.66 -28.84
N ILE A 119 11.18 -8.17 -27.92
CA ILE A 119 10.84 -8.20 -26.50
C ILE A 119 9.60 -7.35 -26.23
N LEU A 120 9.52 -6.18 -26.85
CA LEU A 120 8.42 -5.24 -26.64
C LEU A 120 7.29 -5.38 -27.64
N GLY A 121 7.45 -6.24 -28.66
CA GLY A 121 6.43 -6.43 -29.66
C GLY A 121 6.06 -5.15 -30.39
N ILE A 122 7.07 -4.37 -30.78
CA ILE A 122 6.87 -3.09 -31.45
C ILE A 122 7.67 -3.08 -32.74
N SER A 123 7.48 -2.01 -33.51
CA SER A 123 8.19 -1.88 -34.78
C SER A 123 9.58 -1.29 -34.56
N LEU A 124 10.42 -1.43 -35.60
CA LEU A 124 11.77 -0.88 -35.53
C LEU A 124 11.76 0.64 -35.42
N GLU A 125 10.78 1.29 -36.04
CA GLU A 125 10.69 2.75 -35.92
C GLU A 125 10.34 3.16 -34.49
N GLU A 126 9.46 2.41 -33.84
CA GLU A 126 9.13 2.71 -32.44
C GLU A 126 10.30 2.43 -31.52
N VAL A 127 11.18 1.48 -31.89
CA VAL A 127 12.41 1.27 -31.14
C VAL A 127 13.33 2.47 -31.31
N ARG A 128 13.39 3.03 -32.53
CA ARG A 128 14.15 4.24 -32.76
C ARG A 128 13.65 5.39 -31.89
N GLU A 129 12.32 5.53 -31.79
CA GLU A 129 11.76 6.53 -30.89
C GLU A 129 12.13 6.24 -29.44
N LEU A 130 12.29 4.96 -29.09
CA LEU A 130 12.65 4.60 -27.72
C LEU A 130 14.08 5.04 -27.40
N ALA A 131 15.02 4.80 -28.32
CA ALA A 131 16.38 5.25 -28.10
C ALA A 131 16.48 6.77 -28.14
N GLU A 132 15.77 7.40 -29.07
CA GLU A 132 15.72 8.85 -29.12
C GLU A 132 15.19 9.43 -27.81
N ALA A 133 14.12 8.84 -27.27
CA ALA A 133 13.57 9.32 -26.00
C ALA A 133 14.55 9.11 -24.85
N GLY A 134 15.40 8.08 -24.94
CA GLY A 134 16.41 7.89 -23.92
C GLY A 134 17.55 8.89 -24.02
N ARG A 135 17.87 9.35 -25.23
CA ARG A 135 18.91 10.36 -25.40
C ARG A 135 18.46 11.70 -24.85
N ARG A 136 17.18 12.05 -25.04
CA ARG A 136 16.68 13.31 -24.51
C ARG A 136 16.72 13.33 -22.99
N ALA A 137 16.31 12.23 -22.36
CA ALA A 137 16.25 12.19 -20.91
C ALA A 137 17.63 12.32 -20.28
N ILE A 138 18.66 11.79 -20.95
CA ILE A 138 20.02 11.95 -20.45
C ILE A 138 20.42 13.43 -20.50
N GLU A 139 20.09 14.11 -21.59
CA GLU A 139 20.37 15.54 -21.70
C GLU A 139 19.68 16.33 -20.58
N GLU A 140 18.44 15.98 -20.28
CA GLU A 140 17.69 16.65 -19.22
C GLU A 140 18.14 16.25 -17.82
N GLY A 141 19.03 15.25 -17.72
CA GLY A 141 19.50 14.81 -16.42
C GLY A 141 18.49 14.03 -15.62
N GLU A 142 17.67 13.21 -16.28
CA GLU A 142 16.64 12.42 -15.60
C GLU A 142 16.79 10.92 -15.89
N GLY A 143 17.90 10.49 -16.42
CA GLY A 143 18.09 9.08 -16.69
C GLY A 143 17.47 8.54 -17.96
N ALA A 144 18.14 7.61 -18.58
CA ALA A 144 17.63 7.06 -19.80
C ALA A 144 16.46 6.16 -19.58
N SER A 145 16.49 5.36 -18.55
CA SER A 145 15.39 4.47 -18.34
C SER A 145 14.03 5.11 -18.00
N LEU A 146 14.03 6.32 -17.44
CA LEU A 146 12.79 7.02 -17.10
C LEU A 146 12.19 7.56 -18.38
N GLY A 147 13.02 8.11 -19.24
CA GLY A 147 12.51 8.55 -20.53
C GLY A 147 12.09 7.40 -21.41
N ILE A 148 12.72 6.24 -21.25
CA ILE A 148 12.32 5.06 -22.01
C ILE A 148 10.98 4.54 -21.51
N LEU A 149 10.80 4.50 -20.19
CA LEU A 149 9.52 4.03 -19.63
C LEU A 149 8.38 4.95 -20.04
N ARG A 150 8.61 6.27 -20.02
CA ARG A 150 7.56 7.20 -20.41
C ARG A 150 7.17 7.02 -21.87
N LYS A 151 8.14 6.70 -22.73
CA LYS A 151 7.82 6.45 -24.13
C LYS A 151 7.14 5.10 -24.31
N ILE A 152 7.46 4.12 -23.47
CA ILE A 152 6.79 2.82 -23.53
C ILE A 152 5.31 2.97 -23.21
N LEU A 153 4.99 3.77 -22.20
CA LEU A 153 3.59 4.02 -21.86
C LEU A 153 2.84 4.65 -23.01
N GLU A 154 3.50 5.53 -23.76
CA GLU A 154 2.87 6.19 -24.89
C GLU A 154 2.65 5.21 -26.04
N LEU A 155 3.68 4.43 -26.39
CA LEU A 155 3.53 3.42 -27.43
C LEU A 155 2.46 2.40 -27.04
N GLU A 156 2.46 1.96 -25.78
CA GLU A 156 1.45 1.01 -25.33
C GLU A 156 0.05 1.60 -25.40
N ALA A 157 -0.08 2.89 -25.06
CA ALA A 157 -1.38 3.54 -25.15
C ALA A 157 -1.79 3.74 -26.59
N GLU A 158 -0.83 4.09 -27.47
CA GLU A 158 -1.15 4.30 -28.88
C GLU A 158 -1.53 3.00 -29.56
N ARG A 159 -0.82 1.91 -29.26
CA ARG A 159 -1.00 0.65 -29.95
C ARG A 159 -2.24 -0.13 -29.51
N ALA A 160 -3.02 0.40 -28.58
CA ALA A 160 -4.31 -0.20 -28.26
C ALA A 160 -5.37 0.13 -29.29
N LYS A 161 -4.99 0.79 -30.39
CA LYS A 161 -5.90 1.15 -31.46
C LYS A 161 -6.44 -0.09 -32.17
N MET B 4 4.81 -23.27 28.53
CA MET B 4 5.38 -23.73 27.26
C MET B 4 6.80 -24.26 27.45
N THR B 5 7.12 -25.31 26.70
CA THR B 5 8.44 -25.92 26.75
C THR B 5 9.45 -25.05 26.02
N GLU B 6 10.73 -25.44 26.13
CA GLU B 6 11.78 -24.72 25.43
C GLU B 6 11.64 -24.84 23.92
N GLU B 7 11.16 -25.99 23.44
CA GLU B 7 10.98 -26.18 22.01
C GLU B 7 9.85 -25.30 21.47
N GLU B 8 8.75 -25.20 22.21
CA GLU B 8 7.63 -24.37 21.77
C GLU B 8 8.00 -22.90 21.77
N LEU B 9 8.79 -22.46 22.76
CA LEU B 9 9.18 -21.06 22.82
C LEU B 9 10.16 -20.69 21.71
N GLU B 10 11.05 -21.62 21.34
CA GLU B 10 12.00 -21.33 20.28
C GLU B 10 11.31 -21.22 18.93
N LYS B 11 10.23 -21.99 18.71
CA LYS B 11 9.48 -21.85 17.46
C LYS B 11 8.74 -20.52 17.41
N GLY B 12 8.39 -19.95 18.57
CA GLY B 12 7.81 -18.62 18.57
C GLY B 12 8.82 -17.54 18.22
N VAL B 13 10.07 -17.72 18.65
CA VAL B 13 11.12 -16.79 18.26
C VAL B 13 11.41 -16.91 16.77
N GLU B 14 11.37 -18.13 16.24
CA GLU B 14 11.57 -18.32 14.80
C GLU B 14 10.43 -17.72 14.00
N ASP B 15 9.19 -17.87 14.48
CA ASP B 15 8.07 -17.20 13.83
C ASP B 15 8.20 -15.69 13.93
N PHE B 16 8.73 -15.18 15.04
CA PHE B 16 8.94 -13.74 15.17
C PHE B 16 9.91 -13.24 14.12
N LEU B 17 11.08 -13.89 13.99
CA LEU B 17 12.09 -13.42 13.06
C LEU B 17 11.55 -13.37 11.64
N VAL B 18 10.72 -14.35 11.26
CA VAL B 18 10.11 -14.34 9.93
C VAL B 18 9.16 -13.15 9.79
N VAL B 19 8.21 -13.01 10.72
CA VAL B 19 7.18 -11.99 10.59
C VAL B 19 7.75 -10.59 10.84
N HIS B 20 8.63 -10.47 11.83
CA HIS B 20 9.23 -9.16 12.12
C HIS B 20 10.08 -8.67 10.96
N GLY B 21 10.74 -9.58 10.24
CA GLY B 21 11.51 -9.17 9.08
C GLY B 21 10.64 -8.69 7.94
N LYS B 22 9.50 -9.35 7.73
CA LYS B 22 8.58 -8.92 6.67
C LYS B 22 7.97 -7.57 6.99
N PHE B 23 7.62 -7.34 8.26
CA PHE B 23 6.89 -6.11 8.62
C PHE B 23 7.81 -4.90 8.58
N VAL B 24 9.05 -5.05 9.04
CA VAL B 24 9.98 -3.92 9.02
C VAL B 24 10.35 -3.56 7.59
N HIS B 25 10.53 -4.56 6.73
CA HIS B 25 10.80 -4.27 5.32
C HIS B 25 9.58 -3.69 4.62
N ARG B 26 8.37 -4.02 5.09
CA ARG B 26 7.17 -3.41 4.52
C ARG B 26 7.10 -1.93 4.86
N LEU B 27 7.36 -1.57 6.12
CA LEU B 27 7.35 -0.16 6.51
C LEU B 27 8.47 0.62 5.84
N ALA B 28 9.59 -0.05 5.53
CA ALA B 28 10.69 0.61 4.84
C ALA B 28 10.48 0.67 3.33
N GLY B 29 9.64 -0.20 2.78
CA GLY B 29 9.36 -0.20 1.35
C GLY B 29 10.50 -0.70 0.49
N ILE B 30 11.23 -1.72 0.94
CA ILE B 30 12.37 -2.24 0.21
C ILE B 30 12.31 -3.77 0.21
N PRO B 31 12.97 -4.40 -0.76
CA PRO B 31 13.10 -5.86 -0.75
C PRO B 31 13.90 -6.33 0.45
N PRO B 32 13.86 -7.61 0.77
CA PRO B 32 14.58 -8.10 1.95
C PRO B 32 16.07 -7.85 1.86
N ASN B 33 16.64 -7.35 2.96
CA ASN B 33 18.05 -7.04 3.06
C ASN B 33 18.73 -8.08 3.94
N ALA B 34 19.78 -8.70 3.40
CA ALA B 34 20.40 -9.84 4.08
C ALA B 34 21.10 -9.43 5.37
N LYS B 35 21.74 -8.26 5.38
CA LYS B 35 22.47 -7.83 6.57
C LYS B 35 21.54 -7.53 7.73
N PHE B 36 20.34 -7.00 7.45
CA PHE B 36 19.38 -6.78 8.52
C PHE B 36 18.85 -8.10 9.07
N GLN B 37 18.67 -9.09 8.20
CA GLN B 37 18.19 -10.39 8.65
C GLN B 37 19.19 -11.05 9.59
N ALA B 38 20.49 -10.91 9.30
CA ALA B 38 21.50 -11.45 10.20
C ALA B 38 21.56 -10.67 11.50
N LEU B 39 21.38 -9.35 11.43
CA LEU B 39 21.37 -8.55 12.65
C LEU B 39 20.11 -8.81 13.47
N ASP B 40 18.97 -8.99 12.79
CA ASP B 40 17.73 -9.26 13.51
C ASP B 40 17.82 -10.56 14.28
N LYS B 41 18.41 -11.60 13.68
CA LYS B 41 18.62 -12.86 14.40
C LYS B 41 19.61 -12.69 15.54
N TYR B 42 20.65 -11.88 15.34
CA TYR B 42 21.64 -11.68 16.38
C TYR B 42 21.07 -10.91 17.57
N ILE B 43 20.33 -9.83 17.29
CA ILE B 43 19.77 -9.01 18.37
C ILE B 43 18.79 -9.82 19.19
N THR B 44 17.90 -10.57 18.52
CA THR B 44 16.87 -11.32 19.22
C THR B 44 17.47 -12.37 20.14
N ASN B 45 18.52 -13.05 19.69
CA ASN B 45 19.17 -14.04 20.55
C ASN B 45 19.86 -13.38 21.74
N GLN B 46 20.46 -12.21 21.53
CA GLN B 46 21.07 -11.50 22.64
C GLN B 46 20.04 -11.01 23.64
N ILE B 47 18.84 -10.66 23.17
CA ILE B 47 17.76 -10.29 24.09
C ILE B 47 17.36 -11.50 24.93
N VAL B 48 17.44 -12.70 24.37
CA VAL B 48 17.10 -13.91 25.12
C VAL B 48 18.15 -14.18 26.19
N GLU B 49 19.43 -14.12 25.82
CA GLU B 49 20.52 -14.43 26.73
C GLU B 49 20.76 -13.35 27.78
N SER B 50 20.27 -12.14 27.57
CA SER B 50 20.61 -11.02 28.45
C SER B 50 20.23 -11.30 29.89
N ASP B 51 18.98 -11.69 30.13
CA ASP B 51 18.51 -11.98 31.48
C ASP B 51 18.04 -13.44 31.56
N PRO B 52 18.86 -14.34 32.12
CA PRO B 52 18.39 -15.72 32.31
C PRO B 52 17.25 -15.82 33.30
N SER B 53 17.07 -14.82 34.17
CA SER B 53 15.94 -14.84 35.10
C SER B 53 14.62 -14.68 34.36
N LYS B 54 14.60 -13.89 33.29
CA LYS B 54 13.39 -13.63 32.52
C LYS B 54 13.41 -14.34 31.16
N GLU B 55 14.14 -15.45 31.08
CA GLU B 55 14.27 -16.15 29.80
C GLU B 55 12.93 -16.70 29.33
N LYS B 56 12.09 -17.16 30.27
CA LYS B 56 10.79 -17.71 29.88
C LYS B 56 9.86 -16.63 29.34
N GLU B 57 9.75 -15.51 30.07
CA GLU B 57 8.81 -14.47 29.66
C GLU B 57 9.28 -13.74 28.40
N ILE B 58 10.59 -13.59 28.22
CA ILE B 58 11.11 -12.89 27.04
C ILE B 58 10.82 -13.69 25.77
N LYS B 59 11.04 -15.00 25.82
CA LYS B 59 10.73 -15.84 24.66
C LYS B 59 9.24 -15.82 24.37
N LYS B 60 8.40 -15.82 25.41
CA LYS B 60 6.95 -15.73 25.21
C LYS B 60 6.58 -14.40 24.57
N ALA B 61 7.32 -13.33 24.90
CA ALA B 61 7.04 -12.02 24.31
C ALA B 61 7.26 -12.02 22.82
N PHE B 62 8.33 -12.66 22.36
CA PHE B 62 8.58 -12.74 20.91
C PHE B 62 7.52 -13.58 20.22
N GLY B 63 7.01 -14.63 20.87
CA GLY B 63 5.94 -15.41 20.28
C GLY B 63 4.64 -14.63 20.17
N ASP B 64 4.35 -13.81 21.19
CA ASP B 64 3.14 -12.99 21.14
C ASP B 64 3.27 -11.90 20.09
N ALA B 65 4.44 -11.28 19.98
CA ALA B 65 4.65 -10.26 18.95
C ALA B 65 4.55 -10.85 17.55
N ALA B 66 4.95 -12.11 17.39
CA ALA B 66 4.80 -12.77 16.09
C ALA B 66 3.34 -12.85 15.69
N LYS B 67 2.45 -13.13 16.65
CA LYS B 67 1.02 -13.18 16.33
C LYS B 67 0.47 -11.78 16.07
N ILE B 68 0.93 -10.79 16.83
CA ILE B 68 0.47 -9.42 16.62
C ILE B 68 0.94 -8.91 15.26
N LEU B 69 2.21 -9.16 14.92
CA LEU B 69 2.76 -8.66 13.67
C LEU B 69 2.22 -9.43 12.48
N ARG B 70 1.90 -10.72 12.66
CA ARG B 70 1.31 -11.48 11.55
C ARG B 70 -0.08 -10.96 11.21
N ASP B 71 -0.86 -10.58 12.22
CA ASP B 71 -2.15 -9.96 11.98
C ASP B 71 -1.98 -8.62 11.25
N ALA B 72 -0.99 -7.82 11.66
CA ALA B 72 -0.76 -6.53 11.03
C ALA B 72 -0.35 -6.69 9.57
N LEU B 73 0.38 -7.75 9.24
CA LEU B 73 0.75 -8.01 7.85
C LEU B 73 -0.46 -8.34 6.97
N ALA B 74 -1.55 -8.81 7.57
CA ALA B 74 -2.77 -9.11 6.84
C ALA B 74 -3.66 -7.89 6.65
N ARG B 75 -3.42 -6.82 7.38
CA ARG B 75 -4.22 -5.60 7.27
C ARG B 75 -3.50 -4.58 6.39
N ASN B 76 -4.19 -3.49 6.11
CA ASN B 76 -3.63 -2.39 5.32
C ASN B 76 -2.85 -1.48 6.29
N ILE B 77 -1.65 -1.94 6.64
CA ILE B 77 -0.77 -1.22 7.57
C ILE B 77 0.58 -1.06 6.88
N THR B 78 0.90 0.17 6.49
CA THR B 78 2.12 0.45 5.74
C THR B 78 2.96 1.56 6.34
N THR B 79 2.53 2.19 7.43
CA THR B 79 3.26 3.28 8.05
C THR B 79 3.41 3.02 9.54
N PRO B 80 4.43 3.59 10.17
CA PRO B 80 4.55 3.46 11.63
C PRO B 80 3.38 4.06 12.38
N GLU B 81 2.73 5.10 11.83
CA GLU B 81 1.59 5.69 12.49
C GLU B 81 0.39 4.75 12.48
N GLU B 82 0.13 4.09 11.35
CA GLU B 82 -0.94 3.11 11.30
C GLU B 82 -0.64 1.92 12.19
N ALA B 83 0.64 1.53 12.29
CA ALA B 83 1.00 0.42 13.16
C ALA B 83 0.80 0.77 14.63
N GLN B 84 1.18 1.98 15.03
CA GLN B 84 0.99 2.38 16.42
C GLN B 84 -0.49 2.55 16.75
N ALA B 85 -1.29 3.02 15.79
CA ALA B 85 -2.73 3.08 16.01
C ALA B 85 -3.34 1.68 16.07
N PHE B 86 -2.77 0.73 15.34
CA PHE B 86 -3.24 -0.65 15.40
C PHE B 86 -2.96 -1.27 16.77
N LEU B 87 -1.77 -1.01 17.31
CA LEU B 87 -1.43 -1.56 18.63
C LEU B 87 -2.33 -0.98 19.72
N ARG B 88 -2.60 0.32 19.67
CA ARG B 88 -3.44 0.95 20.68
C ARG B 88 -4.85 0.36 20.68
N ASP B 89 -5.36 -0.04 19.50
CA ASP B 89 -6.68 -0.67 19.45
C ASP B 89 -6.64 -2.05 20.09
N LEU B 90 -5.52 -2.78 19.94
CA LEU B 90 -5.38 -4.06 20.62
C LEU B 90 -5.37 -3.89 22.13
N GLY B 91 -4.87 -2.76 22.62
CA GLY B 91 -4.83 -2.50 24.04
C GLY B 91 -3.46 -2.01 24.50
N PRO B 92 -3.40 -1.45 25.71
CA PRO B 92 -2.10 -1.00 26.23
C PRO B 92 -1.10 -2.12 26.41
N TRP B 93 -1.57 -3.36 26.62
CA TRP B 93 -0.67 -4.49 26.77
C TRP B 93 0.14 -4.72 25.50
N ALA B 94 -0.48 -4.52 24.33
CA ALA B 94 0.23 -4.70 23.07
C ALA B 94 1.20 -3.55 22.81
N VAL B 95 0.81 -2.34 23.20
CA VAL B 95 1.72 -1.19 23.08
C VAL B 95 2.94 -1.40 23.96
N ASP B 96 2.71 -1.79 25.23
CA ASP B 96 3.82 -2.02 26.14
C ASP B 96 4.68 -3.20 25.69
N LEU B 97 4.05 -4.23 25.12
CA LEU B 97 4.81 -5.40 24.66
C LEU B 97 5.78 -5.02 23.55
N ILE B 98 5.29 -4.32 22.53
CA ILE B 98 6.15 -3.97 21.41
C ILE B 98 7.19 -2.93 21.82
N ASN B 99 6.78 -1.94 22.61
CA ASN B 99 7.71 -0.90 23.02
C ASN B 99 8.79 -1.45 23.94
N THR B 100 8.54 -2.55 24.63
CA THR B 100 9.60 -3.11 25.48
C THR B 100 10.67 -3.80 24.62
N ILE B 101 10.23 -4.57 23.66
CA ILE B 101 11.12 -5.25 22.78
C ILE B 101 11.94 -4.23 22.06
N THR B 102 11.30 -3.18 21.55
CA THR B 102 12.04 -2.17 20.83
C THR B 102 13.14 -1.52 21.63
N ARG B 103 12.93 -1.37 22.92
CA ARG B 103 13.90 -0.73 23.76
C ARG B 103 15.02 -1.69 24.09
N ARG B 104 14.76 -2.98 24.01
CA ARG B 104 15.79 -3.97 24.23
C ARG B 104 16.76 -4.08 23.05
N TYR B 105 16.30 -3.61 21.90
CA TYR B 105 17.10 -3.65 20.69
C TYR B 105 18.32 -2.80 20.82
N VAL B 106 18.07 -1.54 21.14
CA VAL B 106 19.09 -0.56 21.23
C VAL B 106 20.08 -0.91 22.30
N ASP B 107 19.57 -1.44 23.41
CA ASP B 107 20.43 -1.81 24.47
C ASP B 107 21.44 -2.83 24.02
N VAL B 108 21.00 -3.81 23.26
CA VAL B 108 21.95 -4.84 22.81
C VAL B 108 23.03 -4.24 21.94
N ILE B 109 22.66 -3.34 21.03
CA ILE B 109 23.65 -2.71 20.17
C ILE B 109 24.66 -1.91 20.99
N GLU B 110 24.18 -1.21 22.01
CA GLU B 110 25.09 -0.44 22.86
C GLU B 110 25.92 -1.34 23.76
N LYS B 111 25.35 -2.45 24.23
CA LYS B 111 26.08 -3.35 25.12
C LYS B 111 27.10 -4.21 24.38
N ASN B 112 26.82 -4.60 23.14
CA ASN B 112 27.69 -5.46 22.36
C ASN B 112 28.04 -4.77 21.05
N PRO B 113 28.91 -3.74 21.09
CA PRO B 113 29.26 -3.05 19.83
C PRO B 113 30.10 -3.91 18.91
N GLU B 114 31.09 -4.64 19.45
CA GLU B 114 31.91 -5.49 18.60
C GLU B 114 31.10 -6.62 17.98
N GLY B 115 30.16 -7.19 18.73
CA GLY B 115 29.33 -8.24 18.18
C GLY B 115 28.49 -7.79 17.02
N VAL B 116 28.00 -6.54 17.06
CA VAL B 116 27.23 -6.00 15.95
C VAL B 116 28.15 -5.68 14.78
N ALA B 117 29.36 -5.19 15.06
CA ALA B 117 30.30 -4.84 14.00
C ALA B 117 30.76 -6.07 13.23
N GLU B 118 30.98 -7.19 13.93
CA GLU B 118 31.45 -8.39 13.25
C GLU B 118 30.34 -9.04 12.43
N ILE B 119 29.09 -8.92 12.86
CA ILE B 119 27.98 -9.51 12.13
C ILE B 119 27.68 -8.71 10.87
N LEU B 120 27.77 -7.38 10.96
CA LEU B 120 27.47 -6.51 9.83
C LEU B 120 28.70 -6.13 9.02
N GLY B 121 29.91 -6.41 9.52
CA GLY B 121 31.10 -6.05 8.79
C GLY B 121 31.34 -4.55 8.74
N ILE B 122 30.99 -3.83 9.80
CA ILE B 122 31.13 -2.39 9.84
C ILE B 122 32.11 -1.99 10.93
N SER B 123 32.37 -0.69 11.06
CA SER B 123 33.31 -0.21 12.06
C SER B 123 32.59 0.10 13.37
N LEU B 124 33.39 0.41 14.38
CA LEU B 124 32.86 0.69 15.71
C LEU B 124 32.06 2.00 15.72
N GLU B 125 32.52 3.02 14.98
CA GLU B 125 31.78 4.26 14.86
C GLU B 125 30.46 4.07 14.12
N GLU B 126 30.42 3.15 13.15
CA GLU B 126 29.17 2.91 12.42
C GLU B 126 28.17 2.11 13.25
N VAL B 127 28.65 1.37 14.26
CA VAL B 127 27.73 0.70 15.18
C VAL B 127 27.05 1.73 16.08
N ARG B 128 27.79 2.74 16.52
CA ARG B 128 27.21 3.78 17.36
C ARG B 128 26.17 4.59 16.60
N GLU B 129 26.40 4.83 15.31
CA GLU B 129 25.41 5.53 14.50
C GLU B 129 24.14 4.70 14.33
N LEU B 130 24.27 3.37 14.36
CA LEU B 130 23.07 2.52 14.40
C LEU B 130 22.31 2.71 15.70
N ALA B 131 23.02 2.78 16.83
CA ALA B 131 22.35 2.96 18.11
C ALA B 131 21.69 4.34 18.20
N GLU B 132 22.33 5.36 17.64
CA GLU B 132 21.71 6.69 17.64
C GLU B 132 20.49 6.71 16.72
N ALA B 133 20.59 6.11 15.54
CA ALA B 133 19.43 6.03 14.65
C ALA B 133 18.30 5.22 15.30
N GLY B 134 18.65 4.18 16.06
CA GLY B 134 17.63 3.44 16.78
C GLY B 134 16.99 4.25 17.89
N ARG B 135 17.81 5.00 18.64
CA ARG B 135 17.26 5.88 19.67
C ARG B 135 16.47 7.03 19.06
N ARG B 136 16.95 7.58 17.94
CA ARG B 136 16.21 8.61 17.23
C ARG B 136 14.85 8.10 16.79
N ALA B 137 14.81 6.88 16.24
CA ALA B 137 13.56 6.35 15.72
C ALA B 137 12.56 6.03 16.83
N ILE B 138 13.05 5.70 18.03
CA ILE B 138 12.15 5.45 19.15
C ILE B 138 11.44 6.73 19.56
N GLU B 139 12.18 7.84 19.64
CA GLU B 139 11.59 9.10 20.05
C GLU B 139 10.55 9.59 19.05
N GLU B 140 10.73 9.28 17.77
CA GLU B 140 9.76 9.69 16.76
C GLU B 140 8.62 8.68 16.63
N GLY B 141 8.64 7.60 17.40
CA GLY B 141 7.52 6.67 17.45
C GLY B 141 7.44 5.69 16.29
N GLU B 142 8.54 5.47 15.63
CA GLU B 142 8.49 4.58 14.53
C GLU B 142 9.22 3.31 14.77
N GLY B 143 9.62 3.05 16.01
CA GLY B 143 10.35 1.83 16.33
C GLY B 143 11.84 1.84 16.02
N ALA B 144 12.62 1.16 16.80
CA ALA B 144 14.03 1.20 16.57
C ALA B 144 14.48 0.36 15.37
N SER B 145 13.79 -0.74 15.09
CA SER B 145 14.17 -1.54 13.94
C SER B 145 14.13 -0.80 12.66
N LEU B 146 13.08 -0.03 12.47
CA LEU B 146 12.97 0.76 11.26
C LEU B 146 14.09 1.79 11.08
N GLY B 147 14.52 2.40 12.17
CA GLY B 147 15.58 3.34 12.11
C GLY B 147 16.88 2.64 11.85
N ILE B 148 17.03 1.45 12.41
CA ILE B 148 18.26 0.69 12.23
C ILE B 148 18.40 0.22 10.79
N LEU B 149 17.31 -0.30 10.22
CA LEU B 149 17.34 -0.76 8.84
C LEU B 149 17.68 0.37 7.87
N ARG B 150 17.04 1.53 8.05
CA ARG B 150 17.35 2.68 7.21
C ARG B 150 18.79 3.10 7.34
N LYS B 151 19.37 2.98 8.54
CA LYS B 151 20.78 3.30 8.72
C LYS B 151 21.67 2.24 8.08
N ILE B 152 21.24 0.98 8.09
CA ILE B 152 22.03 -0.07 7.44
C ILE B 152 22.11 0.16 5.94
N LEU B 153 20.98 0.50 5.31
CA LEU B 153 20.98 0.77 3.87
C LEU B 153 21.89 1.95 3.54
N GLU B 154 21.86 2.99 4.38
CA GLU B 154 22.73 4.14 4.16
C GLU B 154 24.19 3.76 4.26
N LEU B 155 24.54 2.89 5.21
CA LEU B 155 25.93 2.45 5.36
C LEU B 155 26.35 1.55 4.20
N GLU B 156 25.48 0.65 3.76
CA GLU B 156 25.83 -0.24 2.65
C GLU B 156 25.98 0.54 1.35
N ALA B 157 25.17 1.57 1.15
CA ALA B 157 25.28 2.39 -0.05
C ALA B 157 26.59 3.18 -0.07
N GLU B 158 26.96 3.75 1.07
CA GLU B 158 28.20 4.52 1.13
C GLU B 158 29.43 3.63 0.93
N ARG B 159 29.43 2.44 1.52
CA ARG B 159 30.57 1.54 1.41
C ARG B 159 30.64 0.84 0.05
N ALA B 160 29.65 1.04 -0.82
CA ALA B 160 29.72 0.51 -2.17
C ALA B 160 30.78 1.17 -3.02
N LYS B 161 31.37 2.26 -2.55
CA LYS B 161 32.44 2.94 -3.27
C LYS B 161 33.72 2.11 -3.24
N MET C 4 -7.70 -45.17 -9.93
CA MET C 4 -6.75 -44.73 -8.91
C MET C 4 -6.84 -45.57 -7.64
N THR C 5 -5.69 -45.86 -7.05
CA THR C 5 -5.65 -46.57 -5.79
C THR C 5 -6.01 -45.63 -4.64
N GLU C 6 -6.23 -46.23 -3.46
CA GLU C 6 -6.51 -45.42 -2.28
C GLU C 6 -5.34 -44.52 -1.92
N GLU C 7 -4.11 -44.99 -2.16
CA GLU C 7 -2.93 -44.20 -1.80
C GLU C 7 -2.80 -42.98 -2.70
N GLU C 8 -3.15 -43.10 -3.97
CA GLU C 8 -3.10 -41.96 -4.88
C GLU C 8 -4.22 -40.96 -4.57
N LEU C 9 -5.40 -41.47 -4.20
CA LEU C 9 -6.50 -40.58 -3.83
C LEU C 9 -6.19 -39.82 -2.56
N GLU C 10 -5.64 -40.50 -1.54
CA GLU C 10 -5.25 -39.83 -0.31
C GLU C 10 -4.09 -38.87 -0.55
N LYS C 11 -3.19 -39.20 -1.47
CA LYS C 11 -2.09 -38.28 -1.79
C LYS C 11 -2.63 -36.99 -2.40
N GLY C 12 -3.69 -37.09 -3.21
CA GLY C 12 -4.32 -35.89 -3.74
C GLY C 12 -4.91 -35.00 -2.66
N VAL C 13 -5.48 -35.62 -1.62
CA VAL C 13 -6.00 -34.85 -0.50
C VAL C 13 -4.86 -34.20 0.27
N GLU C 14 -3.76 -34.92 0.45
CA GLU C 14 -2.61 -34.33 1.13
C GLU C 14 -1.93 -33.28 0.27
N ASP C 15 -1.85 -33.50 -1.05
CA ASP C 15 -1.31 -32.46 -1.92
C ASP C 15 -2.21 -31.23 -1.92
N PHE C 16 -3.52 -31.42 -1.79
CA PHE C 16 -4.43 -30.29 -1.70
C PHE C 16 -4.10 -29.43 -0.48
N LEU C 17 -3.95 -30.07 0.69
CA LEU C 17 -3.68 -29.32 1.92
C LEU C 17 -2.41 -28.49 1.81
N VAL C 18 -1.42 -28.95 1.04
CA VAL C 18 -0.19 -28.20 0.88
C VAL C 18 -0.42 -26.98 -0.02
N VAL C 19 -0.93 -27.21 -1.23
CA VAL C 19 -1.09 -26.10 -2.18
C VAL C 19 -2.18 -25.15 -1.73
N HIS C 20 -3.22 -25.65 -1.05
CA HIS C 20 -4.29 -24.77 -0.58
C HIS C 20 -3.79 -23.83 0.50
N GLY C 21 -3.02 -24.34 1.47
CA GLY C 21 -2.49 -23.48 2.51
C GLY C 21 -1.50 -22.46 1.97
N LYS C 22 -0.68 -22.87 0.99
CA LYS C 22 0.28 -21.94 0.40
C LYS C 22 -0.42 -20.88 -0.44
N PHE C 23 -1.50 -21.25 -1.13
CA PHE C 23 -2.21 -20.31 -1.98
C PHE C 23 -3.02 -19.31 -1.15
N VAL C 24 -3.69 -19.78 -0.08
CA VAL C 24 -4.49 -18.89 0.74
C VAL C 24 -3.59 -17.89 1.47
N HIS C 25 -2.41 -18.33 1.93
CA HIS C 25 -1.49 -17.42 2.58
C HIS C 25 -0.90 -16.42 1.60
N ARG C 26 -0.80 -16.79 0.32
CA ARG C 26 -0.33 -15.84 -0.68
C ARG C 26 -1.35 -14.73 -0.92
N LEU C 27 -2.64 -15.10 -0.95
CA LEU C 27 -3.68 -14.08 -1.11
C LEU C 27 -3.75 -13.17 0.10
N ALA C 28 -3.55 -13.72 1.30
CA ALA C 28 -3.51 -12.91 2.51
C ALA C 28 -2.20 -12.15 2.66
N GLY C 29 -1.14 -12.56 1.97
CA GLY C 29 0.15 -11.91 2.06
C GLY C 29 0.88 -12.08 3.38
N ILE C 30 0.80 -13.26 3.99
CA ILE C 30 1.44 -13.51 5.28
C ILE C 30 2.23 -14.81 5.25
N PRO C 31 3.24 -14.97 6.11
CA PRO C 31 3.89 -16.28 6.26
C PRO C 31 2.93 -17.28 6.87
N PRO C 32 3.22 -18.57 6.75
CA PRO C 32 2.25 -19.59 7.17
C PRO C 32 1.88 -19.49 8.66
N ASN C 33 0.62 -19.80 8.94
CA ASN C 33 0.09 -19.83 10.30
C ASN C 33 -0.28 -21.27 10.65
N ALA C 34 0.15 -21.72 11.82
CA ALA C 34 0.01 -23.13 12.17
C ALA C 34 -1.44 -23.51 12.45
N LYS C 35 -2.19 -22.62 13.10
CA LYS C 35 -3.57 -22.95 13.46
C LYS C 35 -4.44 -23.12 12.22
N PHE C 36 -4.23 -22.29 11.19
CA PHE C 36 -4.99 -22.45 9.95
C PHE C 36 -4.66 -23.78 9.28
N GLN C 37 -3.39 -24.19 9.36
CA GLN C 37 -3.01 -25.51 8.82
C GLN C 37 -3.77 -26.62 9.53
N ALA C 38 -3.87 -26.54 10.86
CA ALA C 38 -4.61 -27.56 11.59
C ALA C 38 -6.10 -27.49 11.29
N LEU C 39 -6.63 -26.28 11.07
CA LEU C 39 -8.04 -26.16 10.70
C LEU C 39 -8.29 -26.65 9.28
N ASP C 40 -7.40 -26.35 8.34
CA ASP C 40 -7.57 -26.80 6.97
C ASP C 40 -7.60 -28.30 6.90
N LYS C 41 -6.78 -28.97 7.69
CA LYS C 41 -6.78 -30.43 7.65
C LYS C 41 -8.06 -31.01 8.24
N TYR C 42 -8.56 -30.41 9.33
CA TYR C 42 -9.77 -30.93 9.97
C TYR C 42 -10.99 -30.74 9.08
N ILE C 43 -11.16 -29.54 8.52
CA ILE C 43 -12.32 -29.27 7.68
C ILE C 43 -12.30 -30.13 6.43
N THR C 44 -11.12 -30.28 5.81
CA THR C 44 -11.00 -31.14 4.63
C THR C 44 -11.39 -32.58 4.95
N ASN C 45 -10.97 -33.08 6.11
CA ASN C 45 -11.29 -34.46 6.48
C ASN C 45 -12.76 -34.62 6.81
N GLN C 46 -13.40 -33.60 7.38
CA GLN C 46 -14.83 -33.67 7.66
C GLN C 46 -15.66 -33.65 6.38
N ILE C 47 -15.17 -32.95 5.35
CA ILE C 47 -15.86 -32.96 4.07
C ILE C 47 -15.79 -34.35 3.44
N VAL C 48 -14.62 -35.00 3.54
CA VAL C 48 -14.47 -36.35 2.98
C VAL C 48 -15.37 -37.33 3.73
N GLU C 49 -15.33 -37.30 5.06
CA GLU C 49 -16.10 -38.22 5.88
C GLU C 49 -17.57 -37.85 6.00
N SER C 50 -18.01 -36.76 5.38
CA SER C 50 -19.40 -36.33 5.50
C SER C 50 -20.34 -37.41 4.96
N ASP C 51 -20.18 -37.77 3.69
CA ASP C 51 -20.95 -38.85 3.09
C ASP C 51 -20.04 -40.02 2.80
N PRO C 52 -20.11 -41.11 3.55
CA PRO C 52 -19.25 -42.27 3.27
C PRO C 52 -19.47 -42.87 1.89
N SER C 53 -20.67 -42.68 1.32
CA SER C 53 -20.94 -43.22 -0.02
C SER C 53 -20.07 -42.54 -1.07
N LYS C 54 -19.83 -41.24 -0.93
CA LYS C 54 -19.11 -40.46 -1.93
C LYS C 54 -17.68 -40.15 -1.52
N GLU C 55 -17.10 -40.93 -0.59
CA GLU C 55 -15.73 -40.65 -0.16
C GLU C 55 -14.74 -40.73 -1.31
N LYS C 56 -14.98 -41.63 -2.27
CA LYS C 56 -14.04 -41.77 -3.38
C LYS C 56 -14.09 -40.54 -4.30
N GLU C 57 -15.29 -40.06 -4.64
CA GLU C 57 -15.39 -38.91 -5.53
C GLU C 57 -15.02 -37.61 -4.84
N ILE C 58 -15.20 -37.52 -3.53
CA ILE C 58 -14.81 -36.32 -2.80
C ILE C 58 -13.29 -36.22 -2.71
N LYS C 59 -12.62 -37.34 -2.39
CA LYS C 59 -11.16 -37.34 -2.37
C LYS C 59 -10.58 -37.06 -3.75
N LYS C 60 -11.26 -37.51 -4.81
CA LYS C 60 -10.79 -37.22 -6.16
C LYS C 60 -10.98 -35.75 -6.50
N ALA C 61 -12.03 -35.11 -5.97
CA ALA C 61 -12.26 -33.69 -6.23
C ALA C 61 -11.17 -32.84 -5.57
N PHE C 62 -10.75 -33.20 -4.35
CA PHE C 62 -9.65 -32.48 -3.72
C PHE C 62 -8.35 -32.67 -4.50
N GLY C 63 -8.16 -33.86 -5.07
CA GLY C 63 -7.01 -34.07 -5.94
C GLY C 63 -7.07 -33.23 -7.20
N ASP C 64 -8.27 -33.04 -7.74
CA ASP C 64 -8.43 -32.15 -8.89
C ASP C 64 -8.17 -30.70 -8.49
N ALA C 65 -8.71 -30.28 -7.34
CA ALA C 65 -8.45 -28.93 -6.86
C ALA C 65 -6.97 -28.72 -6.57
N ALA C 66 -6.26 -29.78 -6.18
CA ALA C 66 -4.82 -29.68 -5.97
C ALA C 66 -4.08 -29.38 -7.27
N LYS C 67 -4.48 -30.05 -8.36
CA LYS C 67 -3.88 -29.75 -9.65
C LYS C 67 -4.17 -28.32 -10.08
N ILE C 68 -5.37 -27.83 -9.78
CA ILE C 68 -5.75 -26.48 -10.18
C ILE C 68 -4.99 -25.45 -9.37
N LEU C 69 -4.93 -25.63 -8.05
CA LEU C 69 -4.24 -24.66 -7.20
C LEU C 69 -2.73 -24.70 -7.42
N ARG C 70 -2.17 -25.88 -7.75
CA ARG C 70 -0.74 -25.97 -8.01
C ARG C 70 -0.36 -25.17 -9.24
N ASP C 71 -1.22 -25.18 -10.27
CA ASP C 71 -0.97 -24.37 -11.45
C ASP C 71 -1.13 -22.88 -11.14
N ALA C 72 -2.08 -22.54 -10.28
CA ALA C 72 -2.27 -21.14 -9.92
C ALA C 72 -1.10 -20.57 -9.15
N LEU C 73 -0.42 -21.41 -8.36
CA LEU C 73 0.74 -20.96 -7.60
C LEU C 73 1.90 -20.55 -8.50
N ALA C 74 1.94 -21.03 -9.74
CA ALA C 74 3.04 -20.75 -10.65
C ALA C 74 2.67 -19.76 -11.76
N ARG C 75 1.53 -19.10 -11.65
CA ARG C 75 1.03 -18.24 -12.73
C ARG C 75 0.82 -16.80 -12.28
N ASN C 76 1.49 -16.37 -11.20
CA ASN C 76 1.42 -14.98 -10.73
C ASN C 76 -0.04 -14.55 -10.49
N ILE C 77 -0.66 -15.21 -9.53
CA ILE C 77 -2.05 -14.95 -9.15
C ILE C 77 -2.03 -14.54 -7.68
N THR C 78 -2.32 -13.28 -7.40
CA THR C 78 -2.20 -12.72 -6.06
C THR C 78 -3.50 -12.18 -5.50
N THR C 79 -4.59 -12.20 -6.26
CA THR C 79 -5.87 -11.69 -5.78
C THR C 79 -6.97 -12.71 -6.03
N PRO C 80 -8.04 -12.67 -5.24
CA PRO C 80 -9.18 -13.56 -5.52
C PRO C 80 -9.81 -13.32 -6.88
N GLU C 81 -9.78 -12.07 -7.36
CA GLU C 81 -10.34 -11.78 -8.68
C GLU C 81 -9.53 -12.45 -9.79
N GLU C 82 -8.21 -12.38 -9.70
CA GLU C 82 -7.37 -13.08 -10.66
C GLU C 82 -7.54 -14.59 -10.56
N ALA C 83 -7.85 -15.09 -9.36
CA ALA C 83 -8.05 -16.52 -9.19
C ALA C 83 -9.35 -16.98 -9.85
N GLN C 84 -10.44 -16.23 -9.63
CA GLN C 84 -11.71 -16.60 -10.25
C GLN C 84 -11.64 -16.52 -11.77
N ALA C 85 -10.89 -15.56 -12.30
CA ALA C 85 -10.71 -15.48 -13.75
C ALA C 85 -9.90 -16.66 -14.27
N PHE C 86 -8.92 -17.13 -13.48
CA PHE C 86 -8.16 -18.29 -13.88
C PHE C 86 -9.03 -19.53 -13.95
N LEU C 87 -10.01 -19.64 -13.04
CA LEU C 87 -10.91 -20.79 -13.07
C LEU C 87 -11.79 -20.77 -14.31
N ARG C 88 -12.26 -19.59 -14.72
CA ARG C 88 -13.08 -19.49 -15.92
C ARG C 88 -12.31 -19.87 -17.17
N ASP C 89 -11.00 -19.61 -17.19
CA ASP C 89 -10.19 -20.05 -18.32
C ASP C 89 -10.11 -21.57 -18.38
N LEU C 90 -10.04 -22.23 -17.22
CA LEU C 90 -10.08 -23.69 -17.20
C LEU C 90 -11.44 -24.22 -17.62
N GLY C 91 -12.51 -23.48 -17.33
CA GLY C 91 -13.85 -23.89 -17.68
C GLY C 91 -14.79 -23.81 -16.49
N PRO C 92 -16.09 -23.89 -16.77
CA PRO C 92 -17.07 -23.83 -15.66
C PRO C 92 -16.98 -25.01 -14.72
N TRP C 93 -16.40 -26.13 -15.15
CA TRP C 93 -16.22 -27.26 -14.25
C TRP C 93 -15.27 -26.90 -13.10
N ALA C 94 -14.25 -26.09 -13.40
CA ALA C 94 -13.30 -25.67 -12.36
C ALA C 94 -13.91 -24.59 -11.48
N VAL C 95 -14.71 -23.70 -12.06
CA VAL C 95 -15.47 -22.74 -11.26
C VAL C 95 -16.40 -23.47 -10.31
N ASP C 96 -17.09 -24.49 -10.81
CA ASP C 96 -18.02 -25.25 -9.97
C ASP C 96 -17.28 -26.05 -8.91
N LEU C 97 -16.17 -26.68 -9.29
CA LEU C 97 -15.42 -27.53 -8.37
C LEU C 97 -14.89 -26.73 -7.18
N ILE C 98 -14.12 -25.68 -7.46
CA ILE C 98 -13.49 -24.92 -6.39
C ILE C 98 -14.53 -24.22 -5.52
N ASN C 99 -15.54 -23.62 -6.15
CA ASN C 99 -16.53 -22.86 -5.40
C ASN C 99 -17.51 -23.76 -4.65
N THR C 100 -17.63 -24.99 -5.08
CA THR C 100 -18.44 -25.93 -4.36
C THR C 100 -17.69 -26.31 -3.09
N ILE C 101 -16.39 -26.50 -3.16
CA ILE C 101 -15.61 -26.83 -2.00
C ILE C 101 -15.68 -25.74 -0.95
N THR C 102 -15.67 -24.49 -1.36
CA THR C 102 -15.75 -23.37 -0.42
C THR C 102 -17.10 -23.29 0.29
N ARG C 103 -18.15 -23.74 -0.36
CA ARG C 103 -19.43 -23.72 0.28
C ARG C 103 -19.51 -24.81 1.34
N ARG C 104 -18.80 -25.90 1.16
CA ARG C 104 -18.80 -26.99 2.13
C ARG C 104 -18.01 -26.62 3.34
N TYR C 105 -17.00 -25.82 3.08
CA TYR C 105 -16.11 -25.34 4.06
C TYR C 105 -16.86 -24.67 5.18
N VAL C 106 -17.76 -23.77 4.87
CA VAL C 106 -18.54 -23.09 5.91
C VAL C 106 -19.59 -24.03 6.55
N ASP C 107 -20.09 -24.98 5.78
CA ASP C 107 -21.07 -25.92 6.24
C ASP C 107 -20.52 -26.71 7.40
N VAL C 108 -19.30 -27.18 7.26
CA VAL C 108 -18.68 -27.98 8.29
C VAL C 108 -18.40 -27.24 9.57
N ILE C 109 -18.17 -25.96 9.50
CA ILE C 109 -17.94 -25.24 10.70
C ILE C 109 -19.23 -25.12 11.47
N GLU C 110 -20.25 -24.67 10.81
CA GLU C 110 -21.55 -24.45 11.43
C GLU C 110 -22.14 -25.75 11.99
N LYS C 111 -21.97 -26.85 11.26
CA LYS C 111 -22.55 -28.11 11.69
C LYS C 111 -21.78 -28.76 12.83
N ASN C 112 -20.47 -28.49 12.92
CA ASN C 112 -19.62 -29.05 13.97
C ASN C 112 -18.82 -27.92 14.62
N PRO C 113 -19.49 -27.05 15.37
CA PRO C 113 -18.77 -25.91 15.97
C PRO C 113 -17.80 -26.32 17.06
N GLU C 114 -18.12 -27.37 17.81
CA GLU C 114 -17.21 -27.88 18.83
C GLU C 114 -15.93 -28.41 18.19
N GLY C 115 -16.07 -29.31 17.19
CA GLY C 115 -14.90 -29.90 16.55
C GLY C 115 -13.91 -28.87 16.03
N VAL C 116 -14.39 -27.67 15.71
CA VAL C 116 -13.50 -26.59 15.33
C VAL C 116 -12.88 -25.94 16.57
N ALA C 117 -13.65 -25.86 17.66
CA ALA C 117 -13.14 -25.20 18.87
C ALA C 117 -12.03 -26.02 19.52
N GLU C 118 -12.17 -27.35 19.54
CA GLU C 118 -11.14 -28.20 20.13
C GLU C 118 -9.86 -28.19 19.30
N ILE C 119 -10.00 -28.31 17.98
CA ILE C 119 -8.82 -28.38 17.12
C ILE C 119 -8.12 -27.03 17.01
N LEU C 120 -8.82 -25.93 17.28
CA LEU C 120 -8.23 -24.60 17.20
C LEU C 120 -7.94 -23.98 18.56
N GLY C 121 -8.40 -24.62 19.65
CA GLY C 121 -8.17 -24.07 20.97
C GLY C 121 -8.88 -22.77 21.24
N ILE C 122 -10.07 -22.59 20.67
CA ILE C 122 -10.82 -21.34 20.80
C ILE C 122 -12.17 -21.65 21.45
N SER C 123 -12.91 -20.59 21.78
CA SER C 123 -14.25 -20.73 22.33
C SER C 123 -15.27 -20.87 21.21
N LEU C 124 -16.44 -21.38 21.59
CA LEU C 124 -17.49 -21.68 20.61
C LEU C 124 -18.13 -20.42 20.03
N GLU C 125 -17.98 -19.30 20.73
CA GLU C 125 -18.49 -18.03 20.23
C GLU C 125 -17.61 -17.60 19.06
N GLU C 126 -16.29 -17.75 19.22
CA GLU C 126 -15.34 -17.42 18.18
C GLU C 126 -15.54 -18.30 16.95
N VAL C 127 -15.82 -19.60 17.16
CA VAL C 127 -16.11 -20.49 16.03
C VAL C 127 -17.24 -19.92 15.18
N ARG C 128 -18.27 -19.37 15.83
CA ARG C 128 -19.34 -18.73 15.09
C ARG C 128 -18.85 -17.48 14.37
N GLU C 129 -17.88 -16.77 14.95
CA GLU C 129 -17.26 -15.65 14.25
C GLU C 129 -16.45 -16.12 13.06
N LEU C 130 -15.81 -17.28 13.17
CA LEU C 130 -15.16 -17.89 12.01
C LEU C 130 -16.17 -18.21 10.93
N ALA C 131 -17.37 -18.69 11.33
CA ALA C 131 -18.42 -19.00 10.36
C ALA C 131 -18.90 -17.74 9.65
N GLU C 132 -19.25 -16.69 10.42
CA GLU C 132 -19.72 -15.46 9.82
C GLU C 132 -18.66 -14.84 8.92
N ALA C 133 -17.38 -14.95 9.31
CA ALA C 133 -16.31 -14.46 8.47
C ALA C 133 -16.21 -15.24 7.17
N GLY C 134 -16.51 -16.53 7.20
CA GLY C 134 -16.46 -17.33 5.98
C GLY C 134 -17.59 -17.03 5.03
N ARG C 135 -18.82 -16.92 5.55
CA ARG C 135 -19.96 -16.61 4.70
C ARG C 135 -19.84 -15.23 4.08
N ARG C 136 -19.25 -14.27 4.81
CA ARG C 136 -19.10 -12.93 4.27
C ARG C 136 -18.10 -12.91 3.11
N ALA C 137 -16.98 -13.63 3.25
CA ALA C 137 -16.00 -13.67 2.18
C ALA C 137 -16.52 -14.41 0.95
N ILE C 138 -17.45 -15.34 1.14
CA ILE C 138 -18.09 -15.98 -0.01
C ILE C 138 -18.92 -14.97 -0.79
N GLU C 139 -19.67 -14.11 -0.08
CA GLU C 139 -20.45 -13.08 -0.75
C GLU C 139 -19.57 -12.07 -1.47
N GLU C 140 -18.40 -11.76 -0.92
CA GLU C 140 -17.47 -10.86 -1.59
C GLU C 140 -16.75 -11.52 -2.76
N GLY C 141 -16.86 -12.85 -2.89
CA GLY C 141 -16.21 -13.54 -3.99
C GLY C 141 -14.77 -13.93 -3.72
N GLU C 142 -14.35 -13.91 -2.47
CA GLU C 142 -12.98 -14.20 -2.08
C GLU C 142 -12.78 -15.62 -1.60
N GLY C 143 -13.83 -16.42 -1.55
CA GLY C 143 -13.76 -17.74 -0.95
C GLY C 143 -13.71 -17.67 0.56
N ALA C 144 -14.16 -18.77 1.15
CA ALA C 144 -14.30 -18.87 2.60
C ALA C 144 -12.96 -18.88 3.32
N SER C 145 -11.94 -19.51 2.73
CA SER C 145 -10.68 -19.71 3.47
C SER C 145 -9.98 -18.38 3.76
N LEU C 146 -9.98 -17.46 2.80
CA LEU C 146 -9.27 -16.21 2.99
C LEU C 146 -9.87 -15.40 4.12
N GLY C 147 -11.20 -15.36 4.23
CA GLY C 147 -11.84 -14.66 5.33
C GLY C 147 -11.68 -15.37 6.65
N ILE C 148 -11.64 -16.71 6.64
CA ILE C 148 -11.44 -17.46 7.86
C ILE C 148 -10.03 -17.27 8.39
N LEU C 149 -9.03 -17.27 7.49
CA LEU C 149 -7.65 -17.03 7.91
C LEU C 149 -7.49 -15.64 8.49
N ARG C 150 -8.01 -14.62 7.80
CA ARG C 150 -7.92 -13.25 8.31
C ARG C 150 -8.58 -13.12 9.67
N LYS C 151 -9.66 -13.85 9.89
CA LYS C 151 -10.32 -13.84 11.20
C LYS C 151 -9.44 -14.53 12.24
N ILE C 152 -8.87 -15.69 11.89
CA ILE C 152 -8.02 -16.43 12.82
C ILE C 152 -6.90 -15.55 13.34
N LEU C 153 -6.31 -14.74 12.46
CA LEU C 153 -5.21 -13.86 12.87
C LEU C 153 -5.68 -12.83 13.88
N GLU C 154 -6.90 -12.33 13.73
CA GLU C 154 -7.44 -11.37 14.69
C GLU C 154 -7.65 -12.01 16.06
N LEU C 155 -8.15 -13.25 16.08
CA LEU C 155 -8.33 -13.95 17.35
C LEU C 155 -7.00 -14.25 18.01
N GLU C 156 -6.00 -14.68 17.23
CA GLU C 156 -4.69 -14.99 17.79
C GLU C 156 -4.01 -13.74 18.34
N ALA C 157 -4.15 -12.61 17.64
CA ALA C 157 -3.55 -11.37 18.12
C ALA C 157 -4.17 -10.91 19.44
N GLU C 158 -5.46 -11.17 19.64
CA GLU C 158 -6.12 -10.77 20.88
C GLU C 158 -5.81 -11.73 22.01
N ARG C 159 -5.52 -12.98 21.68
CA ARG C 159 -5.19 -13.98 22.68
C ARG C 159 -3.75 -13.86 23.17
N ALA C 160 -3.00 -12.89 22.65
CA ALA C 160 -1.62 -12.71 23.05
C ALA C 160 -1.49 -12.07 24.43
N LYS C 161 -2.56 -11.43 24.93
CA LYS C 161 -2.53 -10.83 26.25
C LYS C 161 -2.57 -11.91 27.33
N MET D 4 -7.65 -12.42 -25.79
CA MET D 4 -6.93 -12.68 -24.55
C MET D 4 -7.72 -13.58 -23.62
N THR D 5 -7.05 -14.14 -22.63
CA THR D 5 -7.70 -15.02 -21.67
C THR D 5 -8.45 -14.21 -20.62
N GLU D 6 -9.29 -14.91 -19.85
CA GLU D 6 -10.02 -14.27 -18.76
C GLU D 6 -9.07 -13.70 -17.71
N GLU D 7 -7.93 -14.36 -17.49
CA GLU D 7 -6.97 -13.86 -16.52
C GLU D 7 -6.32 -12.57 -16.99
N GLU D 8 -5.89 -12.52 -18.26
CA GLU D 8 -5.28 -11.32 -18.80
C GLU D 8 -6.27 -10.16 -18.84
N LEU D 9 -7.53 -10.44 -19.18
CA LEU D 9 -8.54 -9.39 -19.22
C LEU D 9 -8.86 -8.89 -17.81
N GLU D 10 -8.92 -9.80 -16.83
CA GLU D 10 -9.22 -9.39 -15.46
C GLU D 10 -8.11 -8.50 -14.90
N LYS D 11 -6.86 -8.80 -15.23
CA LYS D 11 -5.76 -7.95 -14.79
C LYS D 11 -5.85 -6.55 -15.40
N GLY D 12 -6.41 -6.45 -16.61
CA GLY D 12 -6.63 -5.14 -17.20
C GLY D 12 -7.72 -4.35 -16.50
N VAL D 13 -8.78 -5.04 -16.08
CA VAL D 13 -9.85 -4.37 -15.35
C VAL D 13 -9.36 -3.92 -13.98
N GLU D 14 -8.56 -4.76 -13.32
CA GLU D 14 -7.91 -4.33 -12.07
C GLU D 14 -6.99 -3.15 -12.32
N ASP D 15 -6.24 -3.18 -13.43
CA ASP D 15 -5.34 -2.08 -13.76
C ASP D 15 -6.13 -0.81 -14.03
N PHE D 16 -7.29 -0.94 -14.68
CA PHE D 16 -8.13 0.22 -14.98
C PHE D 16 -8.59 0.90 -13.69
N LEU D 17 -9.16 0.12 -12.76
CA LEU D 17 -9.68 0.69 -11.53
C LEU D 17 -8.60 1.43 -10.74
N VAL D 18 -7.35 1.00 -10.85
CA VAL D 18 -6.26 1.67 -10.15
C VAL D 18 -5.92 3.00 -10.79
N VAL D 19 -5.70 3.00 -12.11
CA VAL D 19 -5.29 4.22 -12.80
C VAL D 19 -6.47 5.17 -12.99
N HIS D 20 -7.70 4.66 -13.06
CA HIS D 20 -8.85 5.53 -13.21
C HIS D 20 -9.13 6.29 -11.91
N GLY D 21 -8.96 5.62 -10.77
CA GLY D 21 -9.14 6.30 -9.50
C GLY D 21 -8.09 7.35 -9.25
N LYS D 22 -6.84 7.07 -9.66
CA LYS D 22 -5.77 8.05 -9.48
C LYS D 22 -5.97 9.27 -10.36
N PHE D 23 -6.41 9.07 -11.60
CA PHE D 23 -6.53 10.17 -12.55
C PHE D 23 -7.73 11.06 -12.23
N VAL D 24 -8.85 10.47 -11.82
CA VAL D 24 -10.03 11.26 -11.51
C VAL D 24 -9.78 12.12 -10.26
N HIS D 25 -9.12 11.56 -9.26
CA HIS D 25 -8.83 12.33 -8.05
C HIS D 25 -7.79 13.41 -8.29
N ARG D 26 -6.94 13.25 -9.30
CA ARG D 26 -5.96 14.29 -9.60
C ARG D 26 -6.61 15.45 -10.35
N LEU D 27 -7.55 15.15 -11.24
CA LEU D 27 -8.30 16.21 -11.91
C LEU D 27 -9.16 16.99 -10.92
N ALA D 28 -9.69 16.30 -9.90
CA ALA D 28 -10.49 16.98 -8.88
C ALA D 28 -9.62 17.67 -7.84
N GLY D 29 -8.39 17.20 -7.65
CA GLY D 29 -7.50 17.84 -6.70
C GLY D 29 -7.76 17.50 -5.25
N ILE D 30 -8.33 16.31 -4.99
CA ILE D 30 -8.63 15.90 -3.62
C ILE D 30 -7.93 14.58 -3.35
N PRO D 31 -7.64 14.26 -2.09
CA PRO D 31 -7.13 12.92 -1.74
C PRO D 31 -8.21 11.88 -1.94
N PRO D 32 -7.83 10.62 -2.13
CA PRO D 32 -8.83 9.58 -2.40
C PRO D 32 -9.76 9.33 -1.22
N ASN D 33 -11.00 8.99 -1.55
CA ASN D 33 -12.00 8.61 -0.56
C ASN D 33 -12.54 7.23 -0.92
N ALA D 34 -13.08 6.54 0.09
CA ALA D 34 -13.44 5.14 -0.09
C ALA D 34 -14.71 4.96 -0.91
N LYS D 35 -15.65 5.91 -0.82
CA LYS D 35 -16.94 5.74 -1.46
C LYS D 35 -16.90 5.94 -2.97
N PHE D 36 -15.85 6.55 -3.51
CA PHE D 36 -15.74 6.65 -4.97
C PHE D 36 -15.20 5.36 -5.57
N GLN D 37 -14.17 4.76 -4.94
CA GLN D 37 -13.62 3.52 -5.48
C GLN D 37 -14.62 2.38 -5.35
N ALA D 38 -15.52 2.43 -4.37
CA ALA D 38 -16.56 1.41 -4.26
C ALA D 38 -17.56 1.54 -5.41
N LEU D 39 -17.98 2.76 -5.71
CA LEU D 39 -18.85 2.98 -6.87
C LEU D 39 -18.11 2.71 -8.17
N ASP D 40 -16.82 3.04 -8.25
CA ASP D 40 -16.06 2.80 -9.46
C ASP D 40 -15.97 1.30 -9.78
N LYS D 41 -15.79 0.47 -8.75
CA LYS D 41 -15.73 -0.96 -8.98
C LYS D 41 -17.10 -1.53 -9.34
N TYR D 42 -18.16 -0.99 -8.73
CA TYR D 42 -19.51 -1.47 -9.02
C TYR D 42 -19.92 -1.12 -10.45
N ILE D 43 -19.69 0.12 -10.86
CA ILE D 43 -20.09 0.55 -12.21
C ILE D 43 -19.29 -0.23 -13.25
N THR D 44 -17.98 -0.36 -13.05
CA THR D 44 -17.15 -1.08 -14.02
C THR D 44 -17.61 -2.52 -14.17
N ASN D 45 -17.97 -3.17 -13.06
CA ASN D 45 -18.46 -4.54 -13.14
C ASN D 45 -19.83 -4.63 -13.80
N GLN D 46 -20.68 -3.63 -13.58
CA GLN D 46 -21.99 -3.64 -14.22
C GLN D 46 -21.90 -3.36 -15.71
N ILE D 47 -20.94 -2.53 -16.13
CA ILE D 47 -20.70 -2.33 -17.56
C ILE D 47 -20.23 -3.63 -18.19
N VAL D 48 -19.42 -4.40 -17.47
CA VAL D 48 -18.94 -5.68 -17.98
C VAL D 48 -20.10 -6.67 -18.13
N GLU D 49 -20.86 -6.87 -17.05
CA GLU D 49 -21.99 -7.80 -17.08
C GLU D 49 -23.19 -7.25 -17.83
N SER D 50 -23.09 -6.05 -18.42
CA SER D 50 -24.21 -5.49 -19.16
C SER D 50 -24.62 -6.39 -20.33
N ASP D 51 -23.65 -6.89 -21.09
CA ASP D 51 -23.92 -7.76 -22.23
C ASP D 51 -22.94 -8.93 -22.19
N PRO D 52 -23.39 -10.10 -21.75
CA PRO D 52 -22.48 -11.27 -21.69
C PRO D 52 -21.92 -11.66 -23.05
N SER D 53 -22.61 -11.34 -24.15
CA SER D 53 -22.10 -11.66 -25.47
C SER D 53 -20.84 -10.86 -25.78
N LYS D 54 -20.79 -9.61 -25.32
CA LYS D 54 -19.64 -8.73 -25.56
C LYS D 54 -18.79 -8.55 -24.31
N GLU D 55 -18.68 -9.59 -23.48
CA GLU D 55 -18.00 -9.45 -22.20
C GLU D 55 -16.49 -9.36 -22.38
N LYS D 56 -15.94 -10.10 -23.33
CA LYS D 56 -14.50 -10.04 -23.55
C LYS D 56 -14.09 -8.75 -24.25
N GLU D 57 -14.93 -8.26 -25.17
CA GLU D 57 -14.64 -6.99 -25.84
C GLU D 57 -14.77 -5.82 -24.87
N ILE D 58 -15.64 -5.93 -23.87
CA ILE D 58 -15.80 -4.85 -22.90
C ILE D 58 -14.62 -4.82 -21.92
N LYS D 59 -14.22 -5.98 -21.42
CA LYS D 59 -13.07 -6.05 -20.54
C LYS D 59 -11.80 -5.56 -21.23
N LYS D 60 -11.64 -5.90 -22.52
CA LYS D 60 -10.46 -5.45 -23.26
C LYS D 60 -10.48 -3.95 -23.48
N ALA D 61 -11.67 -3.35 -23.55
CA ALA D 61 -11.77 -1.89 -23.66
C ALA D 61 -11.28 -1.22 -22.37
N PHE D 62 -11.66 -1.78 -21.21
CA PHE D 62 -11.15 -1.24 -19.95
C PHE D 62 -9.65 -1.44 -19.82
N GLY D 63 -9.12 -2.54 -20.37
CA GLY D 63 -7.68 -2.72 -20.39
C GLY D 63 -6.98 -1.71 -21.27
N ASP D 64 -7.57 -1.40 -22.43
CA ASP D 64 -6.98 -0.38 -23.30
C ASP D 64 -7.08 1.00 -22.66
N ALA D 65 -8.19 1.28 -21.96
CA ALA D 65 -8.31 2.55 -21.25
C ALA D 65 -7.28 2.65 -20.13
N ALA D 66 -6.90 1.52 -19.53
CA ALA D 66 -5.87 1.53 -18.50
C ALA D 66 -4.53 1.96 -19.07
N LYS D 67 -4.18 1.47 -20.26
CA LYS D 67 -2.94 1.90 -20.91
C LYS D 67 -3.00 3.39 -21.23
N ILE D 68 -4.18 3.88 -21.63
CA ILE D 68 -4.33 5.29 -21.95
C ILE D 68 -4.20 6.14 -20.68
N LEU D 69 -4.92 5.75 -19.62
CA LEU D 69 -4.88 6.53 -18.38
C LEU D 69 -3.53 6.43 -17.70
N ARG D 70 -2.82 5.34 -17.86
CA ARG D 70 -1.53 5.17 -17.26
C ARG D 70 -0.57 6.12 -17.89
N ASP D 71 -0.66 6.28 -19.19
CA ASP D 71 0.18 7.25 -19.89
C ASP D 71 -0.13 8.67 -19.45
N ALA D 72 -1.41 8.99 -19.27
CA ALA D 72 -1.79 10.33 -18.85
C ALA D 72 -1.28 10.64 -17.45
N LEU D 73 -1.24 9.63 -16.58
CA LEU D 73 -0.72 9.85 -15.22
C LEU D 73 0.76 10.18 -15.22
N ALA D 74 1.51 9.63 -16.18
CA ALA D 74 2.94 9.91 -16.28
C ALA D 74 3.23 11.26 -16.92
N ARG D 75 2.21 11.99 -17.37
CA ARG D 75 2.39 13.28 -18.01
C ARG D 75 1.74 14.36 -17.17
N ASN D 76 2.14 15.61 -17.44
CA ASN D 76 1.65 16.76 -16.67
C ASN D 76 0.26 17.14 -17.19
N ILE D 77 -0.73 16.38 -16.76
CA ILE D 77 -2.13 16.58 -17.14
C ILE D 77 -2.93 16.73 -15.85
N THR D 78 -3.48 17.93 -15.64
CA THR D 78 -4.18 18.24 -14.40
C THR D 78 -5.60 18.77 -14.61
N THR D 79 -6.02 19.00 -15.84
CA THR D 79 -7.37 19.47 -16.14
C THR D 79 -8.02 18.56 -17.17
N PRO D 80 -9.36 18.45 -17.15
CA PRO D 80 -10.02 17.65 -18.18
C PRO D 80 -9.82 18.19 -19.59
N GLU D 81 -9.59 19.50 -19.73
CA GLU D 81 -9.30 20.05 -21.05
C GLU D 81 -7.96 19.53 -21.58
N GLU D 82 -6.94 19.52 -20.73
CA GLU D 82 -5.66 18.92 -21.13
C GLU D 82 -5.79 17.43 -21.39
N ALA D 83 -6.68 16.76 -20.66
CA ALA D 83 -6.86 15.31 -20.85
C ALA D 83 -7.51 15.01 -22.19
N GLN D 84 -8.47 15.84 -22.62
CA GLN D 84 -9.12 15.62 -23.90
C GLN D 84 -8.17 15.89 -25.05
N ALA D 85 -7.31 16.91 -24.92
CA ALA D 85 -6.30 17.16 -25.93
C ALA D 85 -5.26 16.05 -25.98
N PHE D 86 -4.96 15.44 -24.83
CA PHE D 86 -4.06 14.29 -24.82
C PHE D 86 -4.64 13.12 -25.59
N LEU D 87 -5.97 12.94 -25.52
CA LEU D 87 -6.62 11.86 -26.26
C LEU D 87 -6.54 12.11 -27.76
N ARG D 88 -6.71 13.36 -28.19
CA ARG D 88 -6.64 13.67 -29.61
C ARG D 88 -5.24 13.42 -30.17
N ASP D 89 -4.20 13.58 -29.34
CA ASP D 89 -2.85 13.25 -29.79
C ASP D 89 -2.69 11.74 -29.97
N LEU D 90 -3.33 10.94 -29.10
CA LEU D 90 -3.29 9.49 -29.27
C LEU D 90 -4.04 9.05 -30.53
N GLY D 91 -5.11 9.76 -30.87
CA GLY D 91 -5.90 9.42 -32.03
C GLY D 91 -7.39 9.48 -31.73
N PRO D 92 -8.20 9.55 -32.79
CA PRO D 92 -9.66 9.59 -32.59
C PRO D 92 -10.22 8.31 -31.99
N TRP D 93 -9.52 7.18 -32.16
CA TRP D 93 -9.96 5.94 -31.53
C TRP D 93 -9.89 6.06 -30.01
N ALA D 94 -8.88 6.74 -29.48
CA ALA D 94 -8.77 6.88 -28.03
C ALA D 94 -9.78 7.88 -27.49
N VAL D 95 -10.10 8.91 -28.28
CA VAL D 95 -11.17 9.84 -27.89
C VAL D 95 -12.49 9.10 -27.79
N ASP D 96 -12.80 8.26 -28.79
CA ASP D 96 -14.05 7.52 -28.79
C ASP D 96 -14.09 6.45 -27.69
N LEU D 97 -12.93 5.89 -27.33
CA LEU D 97 -12.92 4.81 -26.34
C LEU D 97 -13.18 5.35 -24.93
N ILE D 98 -12.48 6.41 -24.54
CA ILE D 98 -12.63 6.95 -23.20
C ILE D 98 -14.02 7.54 -23.00
N ASN D 99 -14.52 8.28 -23.99
CA ASN D 99 -15.82 8.94 -23.85
C ASN D 99 -16.99 7.97 -23.99
N THR D 100 -16.79 6.83 -24.65
CA THR D 100 -17.83 5.79 -24.63
C THR D 100 -17.96 5.18 -23.24
N ILE D 101 -16.83 4.97 -22.56
CA ILE D 101 -16.86 4.40 -21.21
C ILE D 101 -17.58 5.35 -20.26
N THR D 102 -17.23 6.65 -20.33
CA THR D 102 -17.84 7.61 -19.41
C THR D 102 -19.32 7.82 -19.70
N ARG D 103 -19.78 7.55 -20.92
CA ARG D 103 -21.22 7.59 -21.19
C ARG D 103 -21.91 6.38 -20.61
N ARG D 104 -21.27 5.21 -20.69
CA ARG D 104 -21.80 4.01 -20.03
C ARG D 104 -21.82 4.15 -18.52
N TYR D 105 -21.02 5.05 -17.97
CA TYR D 105 -21.02 5.28 -16.54
C TYR D 105 -22.35 5.87 -16.08
N VAL D 106 -22.85 6.85 -16.79
CA VAL D 106 -24.15 7.44 -16.45
C VAL D 106 -25.28 6.47 -16.74
N ASP D 107 -25.17 5.73 -17.84
CA ASP D 107 -26.25 4.82 -18.23
C ASP D 107 -26.41 3.67 -17.24
N VAL D 108 -25.34 3.29 -16.54
CA VAL D 108 -25.45 2.26 -15.52
C VAL D 108 -26.17 2.80 -14.30
N ILE D 109 -25.87 4.03 -13.89
CA ILE D 109 -26.52 4.62 -12.72
C ILE D 109 -28.02 4.78 -12.97
N GLU D 110 -28.37 5.27 -14.15
CA GLU D 110 -29.77 5.49 -14.50
C GLU D 110 -30.59 4.20 -14.63
N LYS D 111 -29.92 3.12 -15.01
CA LYS D 111 -30.58 1.83 -15.19
C LYS D 111 -30.38 0.86 -14.03
N ASN D 112 -29.78 1.34 -12.94
CA ASN D 112 -29.53 0.51 -11.80
C ASN D 112 -29.55 1.39 -10.57
N PRO D 113 -30.60 2.18 -10.38
CA PRO D 113 -30.57 3.06 -9.22
C PRO D 113 -30.48 2.36 -7.88
N GLU D 114 -31.11 1.22 -7.74
CA GLU D 114 -31.09 0.50 -6.51
C GLU D 114 -29.71 0.00 -6.11
N GLY D 115 -28.98 -0.53 -7.06
CA GLY D 115 -27.66 -1.10 -6.79
C GLY D 115 -26.65 -0.05 -6.34
N VAL D 116 -26.71 1.14 -6.95
CA VAL D 116 -25.86 2.24 -6.53
C VAL D 116 -26.21 2.65 -5.11
N ALA D 117 -27.50 2.71 -4.79
CA ALA D 117 -27.93 3.11 -3.45
C ALA D 117 -27.49 2.10 -2.41
N GLU D 118 -27.55 0.80 -2.73
CA GLU D 118 -27.13 -0.21 -1.76
C GLU D 118 -25.62 -0.20 -1.56
N ILE D 119 -24.87 -0.02 -2.64
CA ILE D 119 -23.41 -0.04 -2.52
C ILE D 119 -22.85 1.27 -1.97
N LEU D 120 -23.63 2.36 -2.02
CA LEU D 120 -23.20 3.64 -1.51
C LEU D 120 -23.88 4.04 -0.21
N GLY D 121 -24.92 3.31 0.20
CA GLY D 121 -25.65 3.69 1.41
C GLY D 121 -26.34 5.03 1.31
N ILE D 122 -26.88 5.35 0.14
CA ILE D 122 -27.56 6.61 -0.09
C ILE D 122 -28.98 6.32 -0.55
N SER D 123 -29.78 7.38 -0.69
CA SER D 123 -31.18 7.23 -1.08
C SER D 123 -31.31 7.19 -2.59
N LEU D 124 -32.51 6.81 -3.04
CA LEU D 124 -32.79 6.81 -4.48
C LEU D 124 -32.81 8.22 -5.05
N GLU D 125 -33.18 9.20 -4.23
CA GLU D 125 -33.21 10.58 -4.65
C GLU D 125 -31.81 11.11 -4.96
N GLU D 126 -30.83 10.69 -4.16
CA GLU D 126 -29.46 11.12 -4.36
C GLU D 126 -28.76 10.33 -5.47
N VAL D 127 -29.15 9.07 -5.68
CA VAL D 127 -28.60 8.32 -6.81
C VAL D 127 -28.91 9.02 -8.12
N ARG D 128 -30.17 9.47 -8.27
CA ARG D 128 -30.52 10.26 -9.45
C ARG D 128 -29.76 11.58 -9.50
N GLU D 129 -29.32 12.08 -8.33
CA GLU D 129 -28.51 13.30 -8.32
C GLU D 129 -27.08 13.02 -8.77
N LEU D 130 -26.58 11.81 -8.56
CA LEU D 130 -25.32 11.41 -9.17
C LEU D 130 -25.44 11.35 -10.68
N ALA D 131 -26.56 10.83 -11.18
CA ALA D 131 -26.78 10.76 -12.63
C ALA D 131 -26.87 12.16 -13.24
N GLU D 132 -27.45 13.11 -12.52
CA GLU D 132 -27.50 14.48 -13.03
C GLU D 132 -26.11 15.08 -13.12
N ALA D 133 -25.34 15.01 -12.03
CA ALA D 133 -23.98 15.53 -12.05
C ALA D 133 -23.12 14.78 -13.05
N GLY D 134 -23.31 13.47 -13.17
CA GLY D 134 -22.55 12.70 -14.14
C GLY D 134 -22.87 13.10 -15.57
N ARG D 135 -24.17 13.19 -15.90
CA ARG D 135 -24.55 13.59 -17.24
C ARG D 135 -24.17 15.05 -17.51
N ARG D 136 -24.41 15.93 -16.53
CA ARG D 136 -24.09 17.34 -16.70
C ARG D 136 -22.61 17.55 -17.00
N ALA D 137 -21.74 16.79 -16.34
CA ALA D 137 -20.31 16.92 -16.58
C ALA D 137 -19.92 16.40 -17.96
N ILE D 138 -20.70 15.46 -18.52
CA ILE D 138 -20.43 15.01 -19.88
C ILE D 138 -20.72 16.12 -20.88
N GLU D 139 -21.78 16.91 -20.63
CA GLU D 139 -22.09 18.03 -21.51
C GLU D 139 -21.00 19.09 -21.48
N GLU D 140 -20.35 19.28 -20.32
CA GLU D 140 -19.22 20.19 -20.22
C GLU D 140 -17.95 19.62 -20.84
N GLY D 141 -17.89 18.30 -21.02
CA GLY D 141 -16.70 17.67 -21.54
C GLY D 141 -15.71 17.22 -20.50
N GLU D 142 -16.10 17.12 -19.24
CA GLU D 142 -15.20 16.72 -18.17
C GLU D 142 -15.26 15.22 -17.86
N GLY D 143 -16.11 14.47 -18.55
CA GLY D 143 -16.33 13.08 -18.19
C GLY D 143 -17.27 12.95 -17.02
N ALA D 144 -17.95 11.81 -16.91
CA ALA D 144 -18.94 11.64 -15.86
C ALA D 144 -18.31 11.52 -14.48
N SER D 145 -17.12 10.91 -14.39
CA SER D 145 -16.54 10.60 -13.09
C SER D 145 -16.20 11.86 -12.30
N LEU D 146 -15.80 12.94 -12.98
CA LEU D 146 -15.47 14.17 -12.27
C LEU D 146 -16.70 14.78 -11.62
N GLY D 147 -17.82 14.82 -12.35
CA GLY D 147 -19.05 15.34 -11.77
C GLY D 147 -19.65 14.42 -10.72
N ILE D 148 -19.48 13.11 -10.89
CA ILE D 148 -19.98 12.17 -9.90
C ILE D 148 -19.19 12.27 -8.61
N LEU D 149 -17.86 12.36 -8.70
CA LEU D 149 -17.04 12.46 -7.50
C LEU D 149 -17.37 13.72 -6.70
N ARG D 150 -17.56 14.85 -7.39
CA ARG D 150 -17.90 16.09 -6.70
C ARG D 150 -19.24 15.97 -5.99
N LYS D 151 -20.20 15.28 -6.61
CA LYS D 151 -21.49 15.07 -5.96
C LYS D 151 -21.34 14.18 -4.73
N ILE D 152 -20.51 13.14 -4.82
CA ILE D 152 -20.29 12.27 -3.68
C ILE D 152 -19.65 13.03 -2.53
N LEU D 153 -18.79 13.99 -2.83
CA LEU D 153 -18.17 14.80 -1.78
C LEU D 153 -19.22 15.63 -1.04
N GLU D 154 -20.17 16.20 -1.77
CA GLU D 154 -21.23 16.98 -1.12
C GLU D 154 -22.15 16.07 -0.32
N LEU D 155 -22.45 14.88 -0.84
CA LEU D 155 -23.30 13.95 -0.11
C LEU D 155 -22.61 13.42 1.16
N GLU D 156 -21.34 13.04 1.04
CA GLU D 156 -20.61 12.55 2.20
C GLU D 156 -20.46 13.63 3.26
N ALA D 157 -20.35 14.89 2.85
CA ALA D 157 -20.24 15.99 3.81
C ALA D 157 -21.56 16.18 4.55
N GLU D 158 -22.67 16.28 3.82
CA GLU D 158 -23.96 16.56 4.44
C GLU D 158 -24.47 15.41 5.30
N ARG D 159 -24.00 14.19 5.06
CA ARG D 159 -24.46 13.04 5.83
C ARG D 159 -23.68 12.82 7.11
N ALA D 160 -22.58 13.53 7.31
CA ALA D 160 -21.83 13.41 8.56
C ALA D 160 -22.69 13.85 9.73
N LYS D 161 -22.61 13.09 10.83
CA LYS D 161 -23.41 13.34 12.02
C LYS D 161 -24.90 13.33 11.69
N MET E 4 -17.25 0.43 11.72
CA MET E 4 -16.01 0.79 11.05
C MET E 4 -14.81 0.14 11.74
N THR E 5 -13.94 -0.48 10.94
CA THR E 5 -12.77 -1.14 11.48
C THR E 5 -11.73 -0.13 11.97
N GLU E 6 -10.67 -0.64 12.58
CA GLU E 6 -9.61 0.24 13.06
C GLU E 6 -8.88 0.92 11.91
N GLU E 7 -8.64 0.18 10.82
CA GLU E 7 -7.92 0.74 9.69
C GLU E 7 -8.70 1.89 9.05
N GLU E 8 -10.03 1.79 9.03
CA GLU E 8 -10.85 2.83 8.44
C GLU E 8 -10.90 4.07 9.32
N LEU E 9 -11.04 3.88 10.64
CA LEU E 9 -11.03 5.01 11.56
C LEU E 9 -9.71 5.76 11.50
N GLU E 10 -8.59 5.02 11.47
CA GLU E 10 -7.28 5.67 11.35
C GLU E 10 -7.13 6.35 9.99
N LYS E 11 -7.70 5.76 8.94
CA LYS E 11 -7.61 6.35 7.60
C LYS E 11 -8.32 7.70 7.56
N GLY E 12 -9.42 7.86 8.31
CA GLY E 12 -10.09 9.14 8.37
C GLY E 12 -9.27 10.20 9.06
N VAL E 13 -8.54 9.82 10.11
CA VAL E 13 -7.65 10.77 10.77
C VAL E 13 -6.51 11.15 9.84
N GLU E 14 -5.97 10.18 9.09
CA GLU E 14 -4.94 10.49 8.11
C GLU E 14 -5.50 11.37 6.99
N ASP E 15 -6.72 11.06 6.52
CA ASP E 15 -7.35 11.90 5.51
C ASP E 15 -7.53 13.32 6.01
N PHE E 16 -7.92 13.47 7.29
CA PHE E 16 -8.08 14.80 7.86
C PHE E 16 -6.79 15.60 7.78
N LEU E 17 -5.68 14.98 8.20
CA LEU E 17 -4.40 15.69 8.20
C LEU E 17 -4.01 16.16 6.80
N VAL E 18 -4.40 15.42 5.76
CA VAL E 18 -4.04 15.83 4.41
C VAL E 18 -4.92 16.97 3.93
N VAL E 19 -6.24 16.85 4.11
CA VAL E 19 -7.14 17.90 3.61
C VAL E 19 -7.07 19.14 4.48
N HIS E 20 -6.81 18.98 5.78
CA HIS E 20 -6.70 20.14 6.67
C HIS E 20 -5.46 20.97 6.32
N GLY E 21 -4.33 20.31 6.13
CA GLY E 21 -3.13 21.04 5.75
C GLY E 21 -3.24 21.67 4.38
N LYS E 22 -3.96 21.02 3.46
CA LYS E 22 -4.17 21.59 2.14
C LYS E 22 -5.16 22.75 2.16
N PHE E 23 -6.18 22.67 3.02
CA PHE E 23 -7.19 23.71 3.06
C PHE E 23 -6.69 24.94 3.81
N VAL E 24 -5.91 24.74 4.87
CA VAL E 24 -5.38 25.87 5.63
C VAL E 24 -4.39 26.66 4.79
N HIS E 25 -3.52 25.97 4.04
CA HIS E 25 -2.56 26.67 3.20
C HIS E 25 -3.25 27.37 2.04
N ARG E 26 -4.40 26.87 1.59
CA ARG E 26 -5.15 27.56 0.55
C ARG E 26 -5.69 28.89 1.05
N LEU E 27 -6.27 28.90 2.26
CA LEU E 27 -6.74 30.16 2.83
C LEU E 27 -5.59 31.10 3.16
N ALA E 28 -4.38 30.57 3.35
CA ALA E 28 -3.23 31.41 3.64
C ALA E 28 -2.57 31.95 2.36
N GLY E 29 -2.78 31.30 1.22
CA GLY E 29 -2.16 31.74 -0.01
C GLY E 29 -0.70 31.41 -0.12
N ILE E 30 -0.25 30.33 0.52
CA ILE E 30 1.16 29.96 0.51
C ILE E 30 1.28 28.45 0.29
N PRO E 31 2.36 28.04 -0.36
CA PRO E 31 2.63 26.60 -0.53
C PRO E 31 2.94 25.96 0.80
N PRO E 32 2.76 24.64 0.92
CA PRO E 32 2.94 23.98 2.21
C PRO E 32 4.39 24.03 2.70
N ASN E 33 4.54 24.16 4.02
CA ASN E 33 5.84 24.08 4.68
C ASN E 33 5.85 22.91 5.64
N ALA E 34 7.05 22.50 6.04
CA ALA E 34 7.20 21.28 6.84
C ALA E 34 6.81 21.49 8.29
N LYS E 35 6.95 22.71 8.82
CA LYS E 35 6.74 22.92 10.25
C LYS E 35 5.27 22.81 10.64
N PHE E 36 4.37 23.36 9.81
CA PHE E 36 2.95 23.29 10.14
C PHE E 36 2.43 21.85 10.03
N GLN E 37 2.94 21.09 9.06
CA GLN E 37 2.51 19.70 8.91
C GLN E 37 2.82 18.88 10.16
N ALA E 38 4.01 19.08 10.73
CA ALA E 38 4.39 18.33 11.93
C ALA E 38 3.53 18.72 13.13
N LEU E 39 3.27 20.02 13.29
CA LEU E 39 2.42 20.46 14.39
C LEU E 39 1.00 19.96 14.22
N ASP E 40 0.51 19.91 13.01
CA ASP E 40 -0.83 19.44 12.79
C ASP E 40 -0.93 17.98 13.21
N LYS E 41 0.04 17.18 12.80
CA LYS E 41 -0.01 15.77 13.16
C LYS E 41 0.17 15.57 14.66
N TYR E 42 0.98 16.41 15.31
CA TYR E 42 1.19 16.29 16.75
C TYR E 42 -0.07 16.65 17.53
N ILE E 43 -0.69 17.77 17.18
CA ILE E 43 -1.88 18.22 17.91
C ILE E 43 -3.03 17.25 17.69
N THR E 44 -3.21 16.79 16.45
CA THR E 44 -4.31 15.86 16.15
C THR E 44 -4.17 14.57 16.95
N ASN E 45 -2.95 14.05 17.08
CA ASN E 45 -2.76 12.83 17.84
C ASN E 45 -2.99 13.05 19.34
N GLN E 46 -2.69 14.25 19.84
CA GLN E 46 -2.92 14.53 21.26
C GLN E 46 -4.41 14.55 21.57
N ILE E 47 -5.23 15.07 20.65
CA ILE E 47 -6.68 15.09 20.85
C ILE E 47 -7.22 13.67 20.88
N VAL E 48 -6.69 12.79 20.04
CA VAL E 48 -7.15 11.40 20.00
C VAL E 48 -6.78 10.68 21.28
N GLU E 49 -5.53 10.81 21.71
CA GLU E 49 -5.03 10.11 22.89
C GLU E 49 -5.38 10.81 24.20
N SER E 50 -6.16 11.89 24.16
CA SER E 50 -6.50 12.60 25.39
C SER E 50 -7.36 11.72 26.30
N ASP E 51 -8.42 11.14 25.77
CA ASP E 51 -9.31 10.27 26.52
C ASP E 51 -9.37 8.91 25.83
N PRO E 52 -8.73 7.88 26.38
CA PRO E 52 -8.77 6.55 25.72
C PRO E 52 -10.15 5.95 25.65
N SER E 53 -11.08 6.36 26.51
CA SER E 53 -12.42 5.77 26.50
C SER E 53 -13.24 6.26 25.31
N LYS E 54 -12.93 7.46 24.79
CA LYS E 54 -13.64 8.03 23.66
C LYS E 54 -12.75 8.12 22.42
N GLU E 55 -11.79 7.21 22.28
CA GLU E 55 -10.83 7.32 21.19
C GLU E 55 -11.49 7.03 19.84
N LYS E 56 -12.44 6.09 19.81
CA LYS E 56 -13.10 5.77 18.56
C LYS E 56 -14.07 6.86 18.14
N GLU E 57 -14.66 7.58 19.10
CA GLU E 57 -15.54 8.70 18.76
C GLU E 57 -14.74 9.89 18.24
N ILE E 58 -13.55 10.13 18.80
CA ILE E 58 -12.73 11.26 18.37
C ILE E 58 -12.17 11.01 16.98
N LYS E 59 -11.67 9.81 16.71
CA LYS E 59 -11.18 9.48 15.37
C LYS E 59 -12.29 9.55 14.35
N LYS E 60 -13.50 9.16 14.74
CA LYS E 60 -14.66 9.32 13.86
C LYS E 60 -14.96 10.80 13.62
N ALA E 61 -14.77 11.64 14.64
CA ALA E 61 -15.02 13.07 14.49
C ALA E 61 -14.07 13.69 13.48
N PHE E 62 -12.79 13.33 13.53
CA PHE E 62 -11.83 13.83 12.54
C PHE E 62 -12.16 13.30 11.15
N GLY E 63 -12.71 12.08 11.06
CA GLY E 63 -13.13 11.57 9.77
C GLY E 63 -14.28 12.36 9.17
N ASP E 64 -15.22 12.79 10.03
CA ASP E 64 -16.31 13.63 9.54
C ASP E 64 -15.81 15.00 9.12
N ALA E 65 -14.89 15.58 9.88
CA ALA E 65 -14.27 16.85 9.49
C ALA E 65 -13.50 16.70 8.18
N ALA E 66 -12.92 15.52 7.94
CA ALA E 66 -12.25 15.29 6.66
C ALA E 66 -13.24 15.30 5.51
N LYS E 67 -14.43 14.75 5.72
CA LYS E 67 -15.46 14.79 4.70
C LYS E 67 -15.90 16.23 4.42
N ILE E 68 -15.98 17.05 5.47
CA ILE E 68 -16.38 18.44 5.30
C ILE E 68 -15.31 19.22 4.56
N LEU E 69 -14.06 19.11 5.00
CA LEU E 69 -12.97 19.84 4.36
C LEU E 69 -12.71 19.36 2.94
N ARG E 70 -12.95 18.07 2.67
CA ARG E 70 -12.80 17.57 1.31
C ARG E 70 -13.82 18.22 0.39
N ASP E 71 -15.05 18.42 0.88
CA ASP E 71 -16.06 19.11 0.10
C ASP E 71 -15.69 20.58 -0.09
N ALA E 72 -15.16 21.22 0.95
CA ALA E 72 -14.74 22.61 0.84
C ALA E 72 -13.57 22.77 -0.12
N LEU E 73 -12.70 21.76 -0.20
CA LEU E 73 -11.58 21.81 -1.14
C LEU E 73 -12.08 21.73 -2.58
N ALA E 74 -13.13 20.95 -2.83
CA ALA E 74 -13.68 20.77 -4.16
C ALA E 74 -14.52 21.96 -4.62
N ARG E 75 -14.70 22.97 -3.78
CA ARG E 75 -15.52 24.13 -4.10
C ARG E 75 -14.67 25.39 -4.05
N ASN E 76 -15.20 26.46 -4.67
CA ASN E 76 -14.51 27.74 -4.72
C ASN E 76 -14.53 28.42 -3.37
N ILE E 77 -13.77 27.90 -2.41
CA ILE E 77 -13.70 28.46 -1.05
C ILE E 77 -12.24 28.82 -0.79
N THR E 78 -11.95 30.12 -0.72
CA THR E 78 -10.58 30.60 -0.58
C THR E 78 -10.39 31.57 0.59
N THR E 79 -11.42 31.85 1.35
CA THR E 79 -11.35 32.74 2.51
C THR E 79 -11.98 32.06 3.71
N PRO E 80 -11.58 32.45 4.92
CA PRO E 80 -12.27 31.92 6.11
C PRO E 80 -13.72 32.37 6.21
N GLU E 81 -14.08 33.51 5.63
CA GLU E 81 -15.46 33.94 5.65
C GLU E 81 -16.33 33.05 4.78
N GLU E 82 -15.83 32.65 3.61
CA GLU E 82 -16.57 31.71 2.78
C GLU E 82 -16.65 30.34 3.42
N ALA E 83 -15.62 29.93 4.16
CA ALA E 83 -15.64 28.63 4.82
C ALA E 83 -16.69 28.59 5.92
N GLN E 84 -16.77 29.64 6.75
CA GLN E 84 -17.77 29.68 7.81
C GLN E 84 -19.19 29.69 7.23
N ALA E 85 -19.39 30.41 6.13
CA ALA E 85 -20.69 30.40 5.46
C ALA E 85 -20.99 29.02 4.87
N PHE E 86 -19.96 28.33 4.38
CA PHE E 86 -20.14 26.98 3.87
C PHE E 86 -20.58 26.03 4.98
N LEU E 87 -20.02 26.20 6.19
CA LEU E 87 -20.41 25.35 7.31
C LEU E 87 -21.86 25.60 7.71
N ARG E 88 -22.31 26.85 7.62
CA ARG E 88 -23.71 27.15 7.93
C ARG E 88 -24.65 26.53 6.90
N ASP E 89 -24.20 26.37 5.66
CA ASP E 89 -25.04 25.71 4.66
C ASP E 89 -25.18 24.23 4.96
N LEU E 90 -24.13 23.60 5.48
CA LEU E 90 -24.22 22.19 5.83
C LEU E 90 -25.15 21.97 7.02
N GLY E 91 -25.10 22.87 8.00
CA GLY E 91 -25.95 22.76 9.17
C GLY E 91 -25.23 23.14 10.46
N PRO E 92 -26.00 23.33 11.53
CA PRO E 92 -25.38 23.68 12.82
C PRO E 92 -24.45 22.61 13.34
N TRP E 93 -24.66 21.35 12.96
CA TRP E 93 -23.74 20.28 13.37
C TRP E 93 -22.35 20.50 12.78
N ALA E 94 -22.27 21.05 11.57
CA ALA E 94 -20.97 21.27 10.94
C ALA E 94 -20.25 22.47 11.55
N VAL E 95 -21.00 23.52 11.89
CA VAL E 95 -20.41 24.66 12.58
C VAL E 95 -19.89 24.24 13.94
N ASP E 96 -20.66 23.41 14.66
CA ASP E 96 -20.24 22.95 15.99
C ASP E 96 -19.01 22.05 15.89
N LEU E 97 -19.00 21.11 14.96
CA LEU E 97 -17.89 20.18 14.84
C LEU E 97 -16.58 20.90 14.57
N ILE E 98 -16.59 21.81 13.60
CA ILE E 98 -15.35 22.47 13.19
C ILE E 98 -14.87 23.43 14.28
N ASN E 99 -15.78 24.20 14.87
CA ASN E 99 -15.39 25.13 15.91
C ASN E 99 -14.95 24.40 17.19
N THR E 100 -15.46 23.19 17.42
CA THR E 100 -15.03 22.42 18.58
C THR E 100 -13.62 21.89 18.39
N ILE E 101 -13.26 21.55 17.18
CA ILE E 101 -11.92 21.06 16.94
C ILE E 101 -10.89 22.16 17.09
N THR E 102 -11.16 23.35 16.56
CA THR E 102 -10.23 24.45 16.66
C THR E 102 -9.98 24.94 18.11
N ARG E 103 -10.99 24.82 18.95
CA ARG E 103 -10.89 25.21 20.33
C ARG E 103 -10.01 24.23 21.04
N ARG E 104 -10.18 22.94 20.74
CA ARG E 104 -9.37 21.89 21.34
C ARG E 104 -7.95 21.97 20.86
N TYR E 105 -7.79 22.39 19.62
CA TYR E 105 -6.51 22.58 19.03
C TYR E 105 -5.67 23.58 19.80
N VAL E 106 -6.25 24.67 20.25
CA VAL E 106 -5.48 25.62 21.01
C VAL E 106 -5.28 25.14 22.44
N ASP E 107 -6.21 24.34 22.92
CA ASP E 107 -6.16 23.79 24.26
C ASP E 107 -4.90 22.98 24.34
N VAL E 108 -4.69 22.15 23.33
CA VAL E 108 -3.51 21.33 23.29
C VAL E 108 -2.31 22.22 23.37
N ILE E 109 -2.23 23.26 22.56
CA ILE E 109 -1.06 24.14 22.72
C ILE E 109 -0.81 24.70 24.13
N GLU E 110 -1.84 25.12 24.84
CA GLU E 110 -1.74 25.67 26.17
C GLU E 110 -1.35 24.62 27.23
N LYS E 111 -1.86 23.41 27.11
CA LYS E 111 -1.61 22.38 28.10
C LYS E 111 -0.27 21.67 28.00
N ASN E 112 0.38 21.72 26.86
CA ASN E 112 1.69 21.12 26.77
C ASN E 112 2.57 21.84 25.81
N PRO E 113 3.04 23.01 26.17
CA PRO E 113 3.90 23.81 25.31
C PRO E 113 5.27 23.24 25.03
N GLU E 114 5.76 22.36 25.88
CA GLU E 114 7.06 21.80 25.67
C GLU E 114 7.01 20.84 24.51
N GLY E 115 5.93 20.10 24.39
CA GLY E 115 5.79 19.18 23.30
C GLY E 115 5.79 19.90 21.97
N VAL E 116 5.07 21.01 21.92
CA VAL E 116 4.97 21.82 20.74
C VAL E 116 6.32 22.44 20.45
N ALA E 117 7.01 22.86 21.49
CA ALA E 117 8.33 23.40 21.33
C ALA E 117 9.33 22.35 20.80
N GLU E 118 9.23 21.14 21.31
CA GLU E 118 10.13 20.06 20.89
C GLU E 118 9.85 19.61 19.47
N ILE E 119 8.62 19.74 19.04
CA ILE E 119 8.21 19.36 17.72
C ILE E 119 8.66 20.42 16.76
N LEU E 120 8.29 21.66 17.05
CA LEU E 120 8.61 22.77 16.20
C LEU E 120 10.04 23.23 16.23
N GLY E 121 10.69 23.05 17.38
CA GLY E 121 12.06 23.48 17.52
C GLY E 121 12.16 24.96 17.80
N ILE E 122 11.22 25.48 18.55
CA ILE E 122 11.20 26.87 18.88
C ILE E 122 11.26 27.12 20.38
N SER E 123 11.20 28.39 20.76
CA SER E 123 11.27 28.81 22.14
C SER E 123 10.02 28.52 22.91
N LEU E 124 10.10 28.63 24.21
CA LEU E 124 8.95 28.34 25.02
C LEU E 124 7.98 29.52 25.05
N GLU E 125 8.47 30.69 24.75
CA GLU E 125 7.62 31.83 24.76
C GLU E 125 7.07 32.06 23.36
N GLU E 126 7.74 31.49 22.37
CA GLU E 126 7.33 31.52 21.00
C GLU E 126 6.16 30.55 20.85
N VAL E 127 6.14 29.50 21.66
CA VAL E 127 5.05 28.57 21.70
C VAL E 127 3.90 29.23 22.39
N ARG E 128 4.14 30.16 23.31
CA ARG E 128 3.09 30.89 23.95
C ARG E 128 2.54 31.87 22.95
N GLU E 129 3.40 32.41 22.10
CA GLU E 129 2.99 33.33 21.07
C GLU E 129 2.01 32.64 20.13
N LEU E 130 2.33 31.41 19.73
CA LEU E 130 1.44 30.61 18.89
C LEU E 130 0.06 30.44 19.51
N ALA E 131 -0.02 30.24 20.80
CA ALA E 131 -1.31 30.11 21.44
C ALA E 131 -2.06 31.39 21.35
N GLU E 132 -1.41 32.51 21.57
CA GLU E 132 -2.13 33.76 21.50
C GLU E 132 -2.56 34.15 20.09
N ALA E 133 -1.80 33.71 19.11
CA ALA E 133 -2.11 33.96 17.73
C ALA E 133 -3.32 33.18 17.32
N GLY E 134 -3.43 31.98 17.86
CA GLY E 134 -4.54 31.12 17.58
C GLY E 134 -5.77 31.62 18.28
N ARG E 135 -5.65 32.12 19.49
CA ARG E 135 -6.82 32.60 20.17
C ARG E 135 -7.32 33.88 19.52
N ARG E 136 -6.39 34.70 19.04
CA ARG E 136 -6.68 35.94 18.35
C ARG E 136 -7.35 35.66 17.06
N ALA E 137 -6.91 34.62 16.40
CA ALA E 137 -7.54 34.30 15.15
C ALA E 137 -8.90 33.70 15.35
N ILE E 138 -9.11 33.00 16.45
CA ILE E 138 -10.41 32.44 16.72
C ILE E 138 -11.38 33.56 16.97
N GLU E 139 -10.95 34.58 17.71
CA GLU E 139 -11.82 35.72 17.98
C GLU E 139 -12.31 36.37 16.67
N GLU E 140 -11.41 36.51 15.70
CA GLU E 140 -11.71 37.09 14.42
C GLU E 140 -12.60 36.20 13.52
N GLY E 141 -12.90 34.99 13.95
CA GLY E 141 -13.74 34.06 13.23
C GLY E 141 -13.01 33.27 12.17
N GLU E 142 -11.71 33.45 12.06
CA GLU E 142 -10.94 32.78 11.02
C GLU E 142 -10.31 31.43 11.30
N GLY E 143 -10.59 30.84 12.45
CA GLY E 143 -10.01 29.57 12.82
C GLY E 143 -8.68 29.72 13.51
N ALA E 144 -8.28 28.75 14.29
CA ALA E 144 -7.03 28.88 14.99
C ALA E 144 -5.89 28.53 14.11
N SER E 145 -6.12 27.58 13.23
CA SER E 145 -5.03 27.07 12.42
C SER E 145 -4.42 28.14 11.52
N LEU E 146 -5.25 29.02 10.95
CA LEU E 146 -4.73 30.03 10.04
C LEU E 146 -3.86 31.04 10.77
N GLY E 147 -4.24 31.40 11.99
CA GLY E 147 -3.40 32.31 12.76
C GLY E 147 -2.11 31.66 13.23
N ILE E 148 -2.17 30.38 13.57
CA ILE E 148 -0.97 29.67 13.99
C ILE E 148 0.00 29.52 12.83
N LEU E 149 -0.52 29.26 11.62
CA LEU E 149 0.35 29.12 10.46
C LEU E 149 1.10 30.41 10.17
N ARG E 150 0.41 31.55 10.18
CA ARG E 150 1.07 32.82 9.90
C ARG E 150 2.16 33.12 10.93
N LYS E 151 1.90 32.81 12.19
CA LYS E 151 2.92 33.03 13.22
C LYS E 151 4.09 32.07 13.07
N ILE E 152 3.83 30.86 12.57
CA ILE E 152 4.93 29.93 12.31
C ILE E 152 5.81 30.46 11.18
N LEU E 153 5.19 30.96 10.10
CA LEU E 153 5.96 31.50 8.98
C LEU E 153 6.91 32.60 9.44
N GLU E 154 6.44 33.51 10.30
CA GLU E 154 7.29 34.59 10.78
C GLU E 154 8.39 34.08 11.69
N LEU E 155 8.05 33.18 12.61
CA LEU E 155 9.05 32.63 13.52
C LEU E 155 10.12 31.87 12.75
N GLU E 156 9.74 31.16 11.68
CA GLU E 156 10.72 30.42 10.90
C GLU E 156 11.63 31.35 10.13
N ALA E 157 11.08 32.44 9.57
CA ALA E 157 11.89 33.40 8.83
C ALA E 157 12.87 34.12 9.74
N GLU E 158 12.46 34.43 10.97
CA GLU E 158 13.35 35.10 11.91
C GLU E 158 14.39 34.17 12.52
N ARG E 159 14.16 32.86 12.49
CA ARG E 159 15.08 31.90 13.08
C ARG E 159 16.01 31.27 12.07
N ALA E 160 16.06 31.78 10.84
CA ALA E 160 17.00 31.26 9.86
C ALA E 160 18.41 31.73 10.21
N LYS E 161 19.42 30.91 10.01
CA LYS E 161 20.80 31.25 10.39
C LYS E 161 20.91 31.77 11.82
O1 PG4 F . 4.99 2.81 1.39
C1 PG4 F . 5.90 2.35 2.36
C2 PG4 F . 7.29 2.79 2.00
O2 PG4 F . 7.68 3.87 2.82
C3 PG4 F . 9.05 4.15 2.73
C4 PG4 F . 9.38 4.72 1.38
O3 PG4 F . 9.15 6.11 1.39
C5 PG4 F . 9.52 6.74 0.19
C6 PG4 F . 8.28 7.15 -0.57
O4 PG4 F . 7.54 8.08 0.19
C7 PG4 F . 6.71 8.88 -0.61
O1 TLA G . 18.49 5.15 -15.74
O11 TLA G . 19.29 3.49 -14.77
C1 TLA G . 18.94 4.65 -14.72
C2 TLA G . 19.16 5.39 -13.41
O2 TLA G . 19.04 4.50 -12.31
C3 TLA G . 18.29 6.63 -13.18
O3 TLA G . 17.10 6.29 -12.54
C4 TLA G . 18.96 7.50 -12.20
O4 TLA G . 19.19 7.01 -11.11
O41 TLA G . 19.27 8.68 -12.46
O1 PG4 H . 6.11 11.67 -8.74
C1 PG4 H . 5.81 11.16 -10.02
C2 PG4 H . 5.72 12.28 -11.02
O2 PG4 H . 5.29 11.79 -12.26
C3 PG4 H . 4.87 12.81 -13.13
C4 PG4 H . 3.48 13.25 -12.77
O3 PG4 H . 2.99 14.12 -13.75
C5 PG4 H . 2.31 15.24 -13.22
C6 PG4 H . 3.30 16.26 -12.74
O4 PG4 H . 2.64 17.22 -11.95
O1 TLA I . 11.39 -3.56 15.39
O11 TLA I . 11.69 -2.05 16.85
C1 TLA I . 11.00 -2.89 16.32
C2 TLA I . 9.64 -3.15 16.87
O2 TLA I . 9.86 -4.05 17.95
C3 TLA I . 8.73 -3.71 15.80
O3 TLA I . 7.92 -4.74 16.33
C4 TLA I . 7.86 -2.68 15.12
O4 TLA I . 8.27 -2.20 14.07
O41 TLA I . 6.76 -2.36 15.57
O1 PG4 J . 0.35 -9.17 -3.09
C1 PG4 J . -0.32 -9.85 -2.05
C2 PG4 J . -1.05 -8.86 -1.19
O2 PG4 J . -2.25 -9.42 -0.71
C3 PG4 J . -2.97 -8.56 0.12
C4 PG4 J . -2.19 -8.28 1.38
O3 PG4 J . -2.86 -7.32 2.16
C5 PG4 J . -2.02 -6.70 3.10
C6 PG4 J . -1.01 -5.83 2.41
O4 PG4 J . -1.51 -4.53 2.26
C7 PG4 J . -0.51 -3.59 1.92
C8 PG4 J . -1.01 -2.69 0.83
O1 TLA K . -10.95 -18.72 -4.97
O11 TLA K . -9.43 -20.19 -5.06
C1 TLA K . -10.19 -19.51 -4.40
C2 TLA K . -10.14 -19.68 -2.92
O2 TLA K . -8.78 -19.70 -2.56
C3 TLA K . -10.79 -20.99 -2.46
O3 TLA K . -10.01 -22.11 -2.86
C4 TLA K . -11.01 -21.11 -0.97
O4 TLA K . -10.98 -22.19 -0.40
O41 TLA K . -11.25 -20.08 -0.34
O1 TLA L . -14.73 10.58 -16.43
O11 TLA L . -14.26 8.42 -16.76
C1 TLA L . -14.07 9.65 -16.93
C2 TLA L . -12.89 10.01 -17.84
O2 TLA L . -11.75 9.30 -17.44
C3 TLA L . -12.64 11.51 -17.85
O3 TLA L . -12.13 11.94 -16.61
C4 TLA L . -11.65 11.91 -18.98
O4 TLA L . -10.48 11.52 -18.89
O41 TLA L . -12.16 12.59 -19.90
O1 TLA M . -12.68 26.43 9.24
O11 TLA M . -11.67 28.41 9.03
C1 TLA M . -11.69 27.18 9.27
C2 TLA M . -10.34 26.57 9.63
O2 TLA M . -9.71 26.09 8.46
C3 TLA M . -10.49 25.47 10.68
O3 TLA M . -10.62 24.20 10.08
C4 TLA M . -9.28 25.45 11.65
O4 TLA M . -8.88 24.34 12.04
O41 TLA M . -8.80 26.57 11.94
#